data_2QT6
#
_entry.id   2QT6
#
_cell.length_a   54.218
_cell.length_b   111.613
_cell.length_c   97.086
_cell.angle_alpha   90.00
_cell.angle_beta   97.75
_cell.angle_gamma   90.00
#
_symmetry.space_group_name_H-M   'P 1 21 1'
#
loop_
_entity.id
_entity.type
_entity.pdbx_description
1 polymer Laccase
2 branched beta-D-mannopyranose-(1-6)-beta-D-mannopyranose-(1-6)-[beta-D-mannopyranose-(1-3)]beta-D-mannopyranose-(1-4)-2-acetamido-2-deoxy-beta-D-glucopyranose-(1-4)-2-acetamido-2-deoxy-beta-D-glucopyranose
3 branched beta-D-mannopyranose-(1-3)-beta-D-mannopyranose-(1-6)-[beta-D-mannopyranose-(1-3)]beta-D-mannopyranose-(1-4)-2-acetamido-2-deoxy-beta-D-glucopyranose-(1-4)-2-acetamido-2-deoxy-beta-D-glucopyranose
4 branched 2-acetamido-2-deoxy-beta-D-glucopyranose-(1-4)-2-acetamido-2-deoxy-beta-D-glucopyranose
5 non-polymer 'COPPER (II) ION'
6 non-polymer 2-acetamido-2-deoxy-beta-D-glucopyranose
7 non-polymer 'L(+)-TARTARIC ACID'
8 non-polymer GLYCEROL
9 non-polymer alpha-D-mannopyranose
10 non-polymer 'CALCIUM ION'
11 non-polymer 'CHLORIDE ION'
12 non-polymer 'PEROXIDE ION'
13 water water
#
_entity_poly.entity_id   1
_entity_poly.type   'polypeptide(L)'
_entity_poly.pdbx_seq_one_letter_code
;AVGPVADLTVTNANIVPDGFERAAIVVNNVFPAPLITGNMGDNFQLNLVNQMTNHTMLKTTSIHWHGFFQKGTNWADGPA
FINQCPIASGNSFLYDFQVPGQAGTFWYHSHLSTQYCDGLRGPFVVYDPNDPHANLYDVDDESTVITLADWYHVAAKLGP
RFPKGADSTLINGLGRSTSTPTADLAVISVTKGKRYRFRLVSLSCDPNYTFSIDSHQLTVIEADGVSTQPVTVDSIQIFA
AQRYSFVLNANQDVDNYWIRANPNFGTTGFADGVNSAILRYDDADPVEPVTNQTGTTLLLETDLHPLTSMPVPGNPTQGG
ADLNLNMAFNFDGTNFFINGESFTPPTVPVLLQIISGANTAQDLLPSGSVYSLPSNSSIEITFPATTAAPGAPHPFHLHG
HVFAVVRSAGSTSYNYDDPVWRDVVSTGTPQAGDNVTIRFQTDNPGPWFLHCHIDFHLDAGFAVVMAEDIPNTVNANPVP
QAWSNLCPTYDALEPSNE
;
_entity_poly.pdbx_strand_id   A,B
#
# COMPACT_ATOMS: atom_id res chain seq x y z
N ALA A 1 5.34 -54.41 -14.62
CA ALA A 1 5.60 -54.32 -13.15
C ALA A 1 6.15 -55.64 -12.66
N VAL A 2 6.88 -55.58 -11.56
CA VAL A 2 7.42 -56.77 -10.95
C VAL A 2 7.04 -56.75 -9.48
N GLY A 3 7.12 -57.90 -8.83
CA GLY A 3 6.86 -57.96 -7.38
C GLY A 3 5.53 -58.64 -7.12
N PRO A 4 5.27 -59.00 -5.87
CA PRO A 4 6.12 -58.78 -4.68
C PRO A 4 7.38 -59.61 -4.55
N VAL A 5 7.52 -60.68 -5.31
CA VAL A 5 8.71 -61.51 -5.28
C VAL A 5 9.43 -61.29 -6.60
N ALA A 6 10.65 -60.78 -6.57
CA ALA A 6 11.34 -60.47 -7.81
C ALA A 6 12.83 -60.31 -7.61
N ASP A 7 13.58 -60.61 -8.67
CA ASP A 7 14.98 -60.19 -8.78
C ASP A 7 15.05 -58.80 -9.39
N LEU A 8 15.84 -57.91 -8.78
CA LEU A 8 16.10 -56.60 -9.34
C LEU A 8 17.58 -56.57 -9.65
N THR A 9 17.91 -56.59 -10.94
CA THR A 9 19.30 -56.71 -11.34
C THR A 9 19.81 -55.34 -11.74
N VAL A 10 20.88 -54.90 -11.08
CA VAL A 10 21.39 -53.56 -11.21
C VAL A 10 22.65 -53.62 -12.08
N THR A 11 22.64 -52.86 -13.18
CA THR A 11 23.79 -52.82 -14.07
C THR A 11 24.10 -51.39 -14.44
N ASN A 12 25.22 -51.18 -15.13
CA ASN A 12 25.46 -49.91 -15.79
C ASN A 12 25.10 -50.01 -17.28
N ALA A 13 24.57 -48.92 -17.83
CA ALA A 13 24.23 -48.88 -19.26
C ALA A 13 24.26 -47.46 -19.74
N ASN A 14 24.46 -47.28 -21.04
CA ASN A 14 24.36 -45.97 -21.63
C ASN A 14 22.92 -45.75 -22.10
N ILE A 15 22.34 -44.64 -21.67
CA ILE A 15 20.93 -44.35 -21.95
C ILE A 15 20.76 -42.92 -22.42
N VAL A 16 19.60 -42.62 -23.03
CA VAL A 16 19.39 -41.29 -23.62
C VAL A 16 17.96 -40.82 -23.37
N PRO A 17 17.57 -40.67 -22.10
CA PRO A 17 16.16 -40.40 -21.83
C PRO A 17 15.69 -39.05 -22.35
N ASP A 18 16.61 -38.11 -22.55
CA ASP A 18 16.30 -36.76 -23.07
C ASP A 18 17.02 -36.54 -24.41
N GLY A 19 17.43 -37.63 -25.04
CA GLY A 19 18.05 -37.53 -26.39
C GLY A 19 19.55 -37.32 -26.31
N PHE A 20 20.09 -37.19 -25.11
CA PHE A 20 21.55 -37.09 -24.91
C PHE A 20 22.03 -38.39 -24.25
N GLU A 21 23.10 -39.00 -24.77
CA GLU A 21 23.54 -40.28 -24.22
C GLU A 21 24.51 -40.10 -23.08
N ARG A 22 24.24 -40.81 -21.98
CA ARG A 22 25.22 -40.86 -20.88
C ARG A 22 25.20 -42.20 -20.18
N ALA A 23 26.33 -42.55 -19.55
CA ALA A 23 26.39 -43.71 -18.68
C ALA A 23 25.54 -43.51 -17.43
N ALA A 24 24.88 -44.57 -17.04
CA ALA A 24 23.94 -44.51 -15.91
C ALA A 24 23.85 -45.83 -15.22
N ILE A 25 23.04 -45.86 -14.16
CA ILE A 25 22.69 -47.08 -13.49
C ILE A 25 21.25 -47.43 -13.85
N VAL A 26 21.03 -48.68 -14.25
CA VAL A 26 19.68 -49.14 -14.59
C VAL A 26 19.36 -50.41 -13.80
N VAL A 27 18.06 -50.68 -13.64
CA VAL A 27 17.56 -51.84 -12.92
C VAL A 27 16.67 -52.60 -13.90
N ASN A 28 16.93 -53.89 -14.05
CA ASN A 28 16.24 -54.69 -15.08
C ASN A 28 16.30 -53.96 -16.42
N ASN A 29 17.45 -53.35 -16.68
CA ASN A 29 17.73 -52.72 -17.97
C ASN A 29 16.98 -51.44 -18.27
N VAL A 30 16.31 -50.87 -17.28
CA VAL A 30 15.55 -49.66 -17.54
C VAL A 30 15.81 -48.51 -16.55
N PHE A 31 15.56 -47.29 -17.04
CA PHE A 31 15.49 -46.09 -16.22
C PHE A 31 14.24 -45.33 -16.59
N PRO A 32 13.42 -44.92 -15.60
CA PRO A 32 13.52 -45.21 -14.17
C PRO A 32 13.46 -46.71 -13.93
N ALA A 33 13.83 -47.11 -12.72
CA ALA A 33 13.73 -48.48 -12.36
C ALA A 33 12.28 -48.97 -12.51
N PRO A 34 12.09 -50.29 -12.73
CA PRO A 34 10.71 -50.76 -13.04
C PRO A 34 9.77 -50.54 -11.87
N LEU A 35 8.51 -50.37 -12.18
CA LEU A 35 7.51 -50.30 -11.17
C LEU A 35 7.39 -51.60 -10.41
N ILE A 36 7.51 -51.50 -9.08
CA ILE A 36 7.25 -52.64 -8.22
C ILE A 36 5.84 -52.50 -7.67
N THR A 37 5.10 -53.61 -7.65
CA THR A 37 3.76 -53.60 -7.07
C THR A 37 3.49 -54.79 -6.15
N GLY A 38 2.51 -54.60 -5.27
CA GLY A 38 1.91 -55.66 -4.50
C GLY A 38 0.66 -55.08 -3.88
N ASN A 39 0.11 -55.82 -2.92
CA ASN A 39 -1.12 -55.43 -2.24
C ASN A 39 -0.83 -55.22 -0.77
N MET A 40 -1.70 -54.47 -0.11
CA MET A 40 -1.59 -54.22 1.33
C MET A 40 -1.29 -55.52 2.08
N GLY A 41 -0.29 -55.47 2.93
CA GLY A 41 0.08 -56.58 3.79
C GLY A 41 0.97 -57.63 3.15
N ASP A 42 1.26 -57.49 1.86
CA ASP A 42 2.11 -58.47 1.18
C ASP A 42 3.51 -58.58 1.77
N ASN A 43 4.12 -59.73 1.54
CA ASN A 43 5.53 -59.96 1.83
C ASN A 43 6.29 -59.75 0.56
N PHE A 44 7.08 -58.68 0.57
CA PHE A 44 8.01 -58.41 -0.50
C PHE A 44 9.30 -59.18 -0.29
N GLN A 45 9.71 -59.89 -1.34
CA GLN A 45 11.00 -60.58 -1.36
C GLN A 45 11.73 -60.07 -2.56
N LEU A 46 12.51 -59.00 -2.36
CA LEU A 46 13.11 -58.31 -3.49
C LEU A 46 14.60 -58.57 -3.41
N ASN A 47 15.05 -59.39 -4.35
CA ASN A 47 16.43 -59.85 -4.35
C ASN A 47 17.27 -58.94 -5.20
N LEU A 48 18.13 -58.14 -4.56
CA LEU A 48 18.92 -57.18 -5.30
C LEU A 48 20.17 -57.89 -5.80
N VAL A 49 20.31 -57.96 -7.12
CA VAL A 49 21.43 -58.66 -7.77
C VAL A 49 22.30 -57.54 -8.32
N ASN A 50 23.48 -57.33 -7.72
CA ASN A 50 24.29 -56.20 -8.11
C ASN A 50 25.36 -56.61 -9.09
N GLN A 51 25.26 -56.09 -10.30
CA GLN A 51 26.24 -56.36 -11.36
C GLN A 51 26.94 -55.10 -11.87
N MET A 52 26.98 -54.03 -11.07
CA MET A 52 27.60 -52.81 -11.54
C MET A 52 29.12 -52.89 -11.71
N THR A 53 29.64 -52.14 -12.68
CA THR A 53 31.09 -52.14 -12.96
C THR A 53 31.69 -50.76 -12.90
N ASN A 54 30.86 -49.71 -12.83
CA ASN A 54 31.39 -48.37 -12.95
C ASN A 54 31.76 -47.77 -11.59
N HIS A 55 33.06 -47.69 -11.31
CA HIS A 55 33.50 -47.20 -9.99
C HIS A 55 33.10 -45.74 -9.71
N THR A 56 33.00 -44.92 -10.77
CA THR A 56 32.68 -43.50 -10.59
C THR A 56 31.22 -43.34 -10.09
N MET A 57 30.33 -44.25 -10.48
CA MET A 57 28.94 -44.17 -10.03
C MET A 57 28.69 -45.08 -8.83
N LEU A 58 29.78 -45.69 -8.34
CA LEU A 58 29.86 -46.59 -7.19
C LEU A 58 29.41 -47.98 -7.54
N LYS A 59 30.30 -48.95 -7.33
CA LYS A 59 29.96 -50.33 -7.65
C LYS A 59 29.11 -51.02 -6.62
N THR A 60 29.14 -50.54 -5.36
CA THR A 60 28.30 -51.14 -4.34
C THR A 60 26.98 -50.38 -4.27
N THR A 61 26.00 -50.95 -3.57
CA THR A 61 24.71 -50.27 -3.48
C THR A 61 23.92 -50.68 -2.26
N SER A 62 22.86 -49.94 -1.97
CA SER A 62 21.95 -50.32 -0.89
C SER A 62 20.64 -49.66 -1.27
N ILE A 63 19.54 -50.37 -1.05
CA ILE A 63 18.25 -49.89 -1.59
C ILE A 63 17.28 -49.58 -0.48
N HIS A 64 16.69 -48.37 -0.52
CA HIS A 64 15.65 -48.01 0.42
C HIS A 64 14.27 -48.04 -0.24
N TRP A 65 13.28 -48.51 0.53
CA TRP A 65 11.91 -48.68 0.00
C TRP A 65 11.14 -47.57 0.67
N HIS A 66 10.98 -46.46 -0.06
CA HIS A 66 10.65 -45.19 0.59
C HIS A 66 9.23 -45.14 1.08
N GLY A 67 9.08 -44.95 2.40
CA GLY A 67 7.74 -44.79 2.97
C GLY A 67 7.26 -46.01 3.73
N PHE A 68 7.95 -47.16 3.58
CA PHE A 68 7.50 -48.36 4.30
C PHE A 68 8.07 -48.41 5.71
N PHE A 69 7.21 -48.72 6.67
CA PHE A 69 7.63 -48.59 8.06
C PHE A 69 8.69 -49.58 8.51
N GLN A 70 8.76 -50.76 7.87
CA GLN A 70 9.81 -51.77 8.13
C GLN A 70 9.78 -52.16 9.62
N LYS A 71 8.57 -52.25 10.19
CA LYS A 71 8.48 -52.62 11.61
C LYS A 71 9.00 -54.06 11.77
N GLY A 72 10.04 -54.22 12.62
CA GLY A 72 10.61 -55.53 12.80
C GLY A 72 11.62 -55.95 11.75
N THR A 73 11.77 -55.14 10.69
CA THR A 73 12.74 -55.38 9.63
C THR A 73 13.58 -54.14 9.37
N ASN A 74 14.06 -53.54 10.45
CA ASN A 74 14.85 -52.32 10.29
C ASN A 74 16.10 -52.54 9.45
N TRP A 75 16.65 -53.76 9.49
CA TRP A 75 17.82 -54.12 8.70
C TRP A 75 17.62 -54.04 7.16
N ALA A 76 16.36 -53.98 6.76
CA ALA A 76 15.97 -53.97 5.33
C ALA A 76 15.68 -52.56 4.82
N ASP A 77 15.82 -51.58 5.71
CA ASP A 77 15.38 -50.21 5.35
C ASP A 77 16.25 -49.57 4.27
N GLY A 78 17.55 -49.85 4.24
CA GLY A 78 18.37 -49.41 3.11
C GLY A 78 19.46 -48.36 3.30
N PRO A 79 19.24 -47.34 4.14
CA PRO A 79 20.33 -46.32 4.26
C PRO A 79 21.71 -46.91 4.57
N ALA A 80 22.66 -46.66 3.68
CA ALA A 80 24.00 -47.24 3.86
C ALA A 80 24.60 -46.63 5.11
N PHE A 81 25.19 -47.50 5.93
CA PHE A 81 25.82 -47.12 7.19
C PHE A 81 24.89 -46.65 8.29
N ILE A 82 23.58 -46.74 8.02
CA ILE A 82 22.56 -46.65 9.08
C ILE A 82 22.00 -48.03 9.34
N ASN A 83 21.49 -48.66 8.29
CA ASN A 83 20.79 -49.93 8.46
C ASN A 83 21.49 -51.14 7.87
N GLN A 84 22.53 -50.93 7.07
CA GLN A 84 23.29 -52.03 6.47
C GLN A 84 24.59 -51.48 5.92
N CYS A 85 25.54 -52.37 5.65
CA CYS A 85 26.64 -52.01 4.76
C CYS A 85 26.20 -52.25 3.30
N PRO A 86 26.85 -51.57 2.36
CA PRO A 86 26.50 -51.78 0.95
C PRO A 86 26.74 -53.19 0.45
N ILE A 87 26.02 -53.54 -0.61
CA ILE A 87 26.08 -54.84 -1.27
C ILE A 87 27.14 -54.77 -2.36
N ALA A 88 28.03 -55.77 -2.37
CA ALA A 88 29.14 -55.73 -3.31
C ALA A 88 28.69 -56.13 -4.70
N SER A 89 29.35 -55.55 -5.72
CA SER A 89 29.10 -56.01 -7.07
C SER A 89 29.49 -57.50 -7.18
N GLY A 90 28.70 -58.26 -7.91
CA GLY A 90 28.89 -59.71 -7.97
C GLY A 90 28.15 -60.48 -6.92
N ASN A 91 27.54 -59.75 -5.97
CA ASN A 91 26.75 -60.38 -4.91
C ASN A 91 25.29 -60.00 -5.02
N SER A 92 24.45 -60.73 -4.30
CA SER A 92 23.04 -60.44 -4.20
C SER A 92 22.67 -60.27 -2.73
N PHE A 93 21.55 -59.59 -2.48
CA PHE A 93 21.04 -59.47 -1.10
C PHE A 93 19.53 -59.39 -1.10
N LEU A 94 18.89 -60.22 -0.29
CA LEU A 94 17.44 -60.32 -0.29
C LEU A 94 16.83 -59.39 0.74
N TYR A 95 16.07 -58.42 0.25
CA TYR A 95 15.25 -57.60 1.10
C TYR A 95 13.92 -58.32 1.29
N ASP A 96 13.64 -58.71 2.52
CA ASP A 96 12.48 -59.56 2.81
C ASP A 96 11.69 -58.87 3.89
N PHE A 97 10.57 -58.24 3.53
CA PHE A 97 9.81 -57.47 4.47
C PHE A 97 8.31 -57.57 4.16
N GLN A 98 7.51 -57.00 5.04
CA GLN A 98 6.03 -56.98 4.84
C GLN A 98 5.57 -55.55 4.96
N VAL A 99 4.41 -55.27 4.39
CA VAL A 99 3.81 -53.96 4.44
C VAL A 99 2.42 -53.98 5.06
N PRO A 100 2.35 -54.43 6.33
CA PRO A 100 1.03 -54.43 6.97
C PRO A 100 0.54 -52.99 7.09
N GLY A 101 -0.76 -52.79 6.89
CA GLY A 101 -1.34 -51.52 7.25
C GLY A 101 -1.05 -50.40 6.25
N GLN A 102 -0.32 -50.72 5.18
CA GLN A 102 0.01 -49.65 4.22
C GLN A 102 -0.43 -50.02 2.82
N ALA A 103 -0.92 -48.99 2.13
CA ALA A 103 -1.33 -49.09 0.74
C ALA A 103 -1.36 -47.66 0.22
N GLY A 104 -0.74 -47.43 -0.94
CA GLY A 104 -0.56 -46.09 -1.43
C GLY A 104 0.55 -46.07 -2.43
N THR A 105 1.07 -44.88 -2.64
CA THR A 105 2.08 -44.63 -3.70
C THR A 105 3.43 -44.34 -3.04
N PHE A 106 4.42 -45.14 -3.46
CA PHE A 106 5.76 -45.12 -2.84
C PHE A 106 6.81 -45.13 -3.93
N TRP A 107 8.08 -45.29 -3.56
CA TRP A 107 9.12 -45.45 -4.54
C TRP A 107 10.30 -46.11 -3.90
N TYR A 108 11.34 -46.37 -4.68
CA TYR A 108 12.52 -46.99 -4.14
C TYR A 108 13.73 -46.42 -4.83
N HIS A 109 14.86 -46.45 -4.12
CA HIS A 109 16.03 -45.76 -4.66
C HIS A 109 17.27 -46.22 -3.94
N SER A 110 18.41 -46.09 -4.59
CA SER A 110 19.65 -46.29 -3.86
C SER A 110 19.67 -45.34 -2.68
N HIS A 111 20.24 -45.81 -1.57
CA HIS A 111 20.43 -44.95 -0.39
C HIS A 111 21.90 -44.99 0.02
N LEU A 112 22.75 -44.98 -1.01
CA LEU A 112 24.21 -44.84 -0.80
C LEU A 112 24.69 -43.56 -1.49
N SER A 113 25.26 -42.62 -0.74
CA SER A 113 25.74 -41.36 -1.28
C SER A 113 24.69 -40.75 -2.22
N THR A 114 25.13 -40.19 -3.35
CA THR A 114 24.22 -39.59 -4.34
C THR A 114 23.91 -40.54 -5.50
N GLN A 115 24.07 -41.84 -5.27
CA GLN A 115 23.93 -42.82 -6.33
C GLN A 115 22.55 -42.85 -6.98
N TYR A 116 21.48 -42.56 -6.25
CA TYR A 116 20.18 -42.63 -6.92
C TYR A 116 20.09 -41.64 -8.06
N CYS A 117 20.84 -40.53 -7.96
CA CYS A 117 20.76 -39.56 -9.02
C CYS A 117 21.24 -40.15 -10.33
N ASP A 118 22.23 -41.05 -10.26
CA ASP A 118 22.78 -41.64 -11.48
C ASP A 118 21.90 -42.72 -12.08
N GLY A 119 20.73 -43.00 -11.45
CA GLY A 119 19.68 -43.73 -12.15
C GLY A 119 18.91 -44.75 -11.33
N LEU A 120 19.40 -45.09 -10.12
CA LEU A 120 18.79 -46.19 -9.36
C LEU A 120 17.61 -45.65 -8.54
N ARG A 121 16.48 -45.46 -9.22
CA ARG A 121 15.28 -44.89 -8.63
C ARG A 121 14.07 -45.23 -9.48
N GLY A 122 12.98 -45.68 -8.84
CA GLY A 122 11.74 -45.92 -9.61
C GLY A 122 10.56 -45.98 -8.66
N PRO A 123 9.38 -46.16 -9.21
CA PRO A 123 8.15 -46.13 -8.42
C PRO A 123 7.76 -47.47 -7.83
N PHE A 124 6.92 -47.42 -6.79
CA PHE A 124 6.54 -48.63 -6.04
C PHE A 124 5.13 -48.39 -5.54
N VAL A 125 4.17 -49.19 -6.02
CA VAL A 125 2.74 -48.98 -5.66
C VAL A 125 2.19 -50.21 -4.93
N VAL A 126 1.57 -49.94 -3.77
CA VAL A 126 0.90 -50.97 -3.01
C VAL A 126 -0.62 -50.71 -3.07
N TYR A 127 -1.33 -51.60 -3.76
CA TYR A 127 -2.78 -51.44 -3.98
C TYR A 127 -3.57 -51.96 -2.78
N ASP A 128 -4.78 -51.42 -2.63
CA ASP A 128 -5.69 -51.86 -1.59
C ASP A 128 -6.90 -52.47 -2.32
N PRO A 129 -7.10 -53.78 -2.19
CA PRO A 129 -8.27 -54.37 -2.89
C PRO A 129 -9.62 -53.83 -2.43
N ASN A 130 -9.62 -53.18 -1.26
CA ASN A 130 -10.81 -52.57 -0.68
C ASN A 130 -10.65 -51.06 -0.56
N ASP A 131 -9.89 -50.48 -1.51
CA ASP A 131 -9.57 -49.06 -1.41
C ASP A 131 -10.81 -48.22 -1.20
N PRO A 132 -10.85 -47.41 -0.12
CA PRO A 132 -12.05 -46.59 0.11
C PRO A 132 -12.30 -45.55 -0.97
N HIS A 133 -11.28 -45.23 -1.77
CA HIS A 133 -11.48 -44.25 -2.83
C HIS A 133 -11.79 -44.89 -4.19
N ALA A 134 -11.94 -46.21 -4.24
CA ALA A 134 -12.10 -46.95 -5.52
C ALA A 134 -13.25 -46.42 -6.37
N ASN A 135 -14.29 -45.92 -5.72
CA ASN A 135 -15.50 -45.47 -6.42
C ASN A 135 -15.26 -44.18 -7.21
N LEU A 136 -14.14 -43.52 -6.95
CA LEU A 136 -13.84 -42.24 -7.57
C LEU A 136 -13.18 -42.40 -8.93
N TYR A 137 -12.81 -43.61 -9.33
CA TYR A 137 -12.10 -43.74 -10.62
C TYR A 137 -12.31 -45.10 -11.23
N ASP A 138 -12.01 -45.17 -12.53
CA ASP A 138 -12.17 -46.38 -13.30
C ASP A 138 -10.88 -47.12 -13.56
N VAL A 139 -9.77 -46.39 -13.72
CA VAL A 139 -8.51 -46.99 -14.15
C VAL A 139 -7.41 -46.62 -13.15
N ASP A 140 -6.64 -47.62 -12.71
CA ASP A 140 -5.54 -47.44 -11.74
C ASP A 140 -4.59 -48.60 -12.00
N ASP A 141 -3.53 -48.33 -12.74
CA ASP A 141 -2.63 -49.43 -13.11
C ASP A 141 -1.27 -48.85 -13.49
N GLU A 142 -0.42 -49.67 -14.12
CA GLU A 142 0.90 -49.21 -14.43
C GLU A 142 0.88 -47.99 -15.34
N SER A 143 -0.15 -47.90 -16.20
CA SER A 143 -0.23 -46.77 -17.12
C SER A 143 -0.69 -45.47 -16.47
N THR A 144 -1.04 -45.51 -15.19
CA THR A 144 -1.46 -44.30 -14.48
C THR A 144 -0.44 -43.86 -13.45
N VAL A 145 0.73 -44.49 -13.43
CA VAL A 145 1.81 -43.98 -12.62
C VAL A 145 2.56 -42.94 -13.43
N ILE A 146 2.82 -41.76 -12.83
CA ILE A 146 3.55 -40.69 -13.47
C ILE A 146 4.74 -40.36 -12.59
N THR A 147 5.96 -40.66 -13.10
CA THR A 147 7.15 -40.30 -12.35
C THR A 147 7.73 -39.00 -12.86
N LEU A 148 8.29 -38.21 -11.94
CA LEU A 148 9.03 -36.98 -12.25
C LEU A 148 10.48 -37.18 -11.83
N ALA A 149 11.43 -36.96 -12.73
CA ALA A 149 12.84 -37.13 -12.36
C ALA A 149 13.68 -36.02 -12.93
N ASP A 150 14.53 -35.43 -12.12
CA ASP A 150 15.57 -34.53 -12.59
C ASP A 150 16.71 -35.35 -13.20
N TRP A 151 17.22 -34.88 -14.33
CA TRP A 151 18.24 -35.63 -15.04
C TRP A 151 19.42 -34.71 -15.39
N TYR A 152 20.62 -35.23 -15.14
CA TYR A 152 21.86 -34.45 -15.27
C TYR A 152 22.72 -35.07 -16.33
N HIS A 153 23.32 -34.22 -17.18
CA HIS A 153 24.21 -34.73 -18.22
C HIS A 153 25.56 -35.16 -17.69
N VAL A 154 25.95 -34.62 -16.52
CA VAL A 154 27.21 -34.99 -15.87
C VAL A 154 26.86 -35.76 -14.59
N ALA A 155 27.58 -36.87 -14.36
CA ALA A 155 27.31 -37.76 -13.24
C ALA A 155 27.46 -37.10 -11.88
N ALA A 156 26.82 -37.68 -10.88
CA ALA A 156 26.76 -37.05 -9.57
C ALA A 156 28.13 -36.77 -8.94
N LYS A 157 29.07 -37.70 -9.12
CA LYS A 157 30.41 -37.53 -8.55
C LYS A 157 31.34 -36.73 -9.45
N LEU A 158 30.85 -36.35 -10.62
CA LEU A 158 31.69 -35.57 -11.58
C LEU A 158 31.32 -34.11 -11.72
N GLY A 159 30.06 -33.78 -11.44
CA GLY A 159 29.59 -32.40 -11.53
C GLY A 159 29.80 -31.61 -10.25
N PRO A 160 29.17 -30.43 -10.16
CA PRO A 160 29.32 -29.64 -8.94
C PRO A 160 28.77 -30.38 -7.74
N ARG A 161 29.35 -30.08 -6.58
CA ARG A 161 28.84 -30.61 -5.31
C ARG A 161 27.36 -30.27 -5.17
N PHE A 162 26.99 -29.04 -5.55
CA PHE A 162 25.60 -28.59 -5.43
C PHE A 162 25.18 -28.06 -6.81
N PRO A 163 24.68 -28.94 -7.67
CA PRO A 163 24.30 -28.52 -9.03
C PRO A 163 23.32 -27.36 -9.05
N LYS A 164 23.47 -26.59 -10.11
CA LYS A 164 22.80 -25.34 -10.37
C LYS A 164 21.37 -25.57 -10.86
N GLY A 165 21.12 -26.79 -11.31
CA GLY A 165 19.78 -27.25 -11.70
C GLY A 165 20.03 -28.45 -12.56
N ALA A 166 18.97 -29.16 -12.93
CA ALA A 166 19.09 -30.32 -13.78
C ALA A 166 19.12 -29.88 -15.25
N ASP A 167 19.59 -30.78 -16.08
CA ASP A 167 19.59 -30.52 -17.52
C ASP A 167 18.26 -30.82 -18.18
N SER A 168 17.46 -31.70 -17.59
CA SER A 168 16.13 -31.93 -18.11
C SER A 168 15.24 -32.45 -17.01
N THR A 169 13.94 -32.25 -17.18
CA THR A 169 12.94 -32.92 -16.39
C THR A 169 12.37 -34.08 -17.20
N LEU A 170 12.36 -35.30 -16.63
CA LEU A 170 11.85 -36.48 -17.27
C LEU A 170 10.52 -36.84 -16.62
N ILE A 171 9.51 -37.03 -17.46
CA ILE A 171 8.20 -37.50 -17.03
C ILE A 171 8.07 -38.90 -17.60
N ASN A 172 7.83 -39.90 -16.73
CA ASN A 172 7.88 -41.26 -17.19
C ASN A 172 9.14 -41.56 -18.03
N GLY A 173 10.26 -41.03 -17.57
CA GLY A 173 11.56 -41.34 -18.16
C GLY A 173 11.94 -40.60 -19.43
N LEU A 174 11.10 -39.67 -19.89
CA LEU A 174 11.36 -38.95 -21.15
C LEU A 174 11.15 -37.45 -21.00
N GLY A 175 11.96 -36.65 -21.68
CA GLY A 175 11.80 -35.20 -21.63
C GLY A 175 12.85 -34.54 -22.47
N ARG A 176 12.80 -33.22 -22.54
CA ARG A 176 13.77 -32.49 -23.39
C ARG A 176 14.68 -31.63 -22.56
N SER A 177 15.92 -31.47 -23.05
CA SER A 177 16.81 -30.44 -22.53
C SER A 177 16.83 -29.29 -23.54
N THR A 178 17.42 -28.15 -23.15
CA THR A 178 17.52 -27.04 -24.10
C THR A 178 18.32 -27.42 -25.32
N SER A 179 19.23 -28.38 -25.17
CA SER A 179 20.03 -28.85 -26.30
C SER A 179 19.38 -30.00 -27.08
N THR A 180 18.24 -30.53 -26.59
CA THR A 180 17.53 -31.59 -27.29
C THR A 180 16.03 -31.25 -27.43
N PRO A 181 15.74 -30.13 -28.12
CA PRO A 181 14.37 -29.64 -28.20
C PRO A 181 13.42 -30.53 -29.02
N THR A 182 13.95 -31.54 -29.71
CA THR A 182 13.07 -32.47 -30.41
C THR A 182 13.06 -33.87 -29.85
N ALA A 183 13.59 -34.06 -28.65
CA ALA A 183 13.58 -35.40 -28.08
C ALA A 183 12.17 -35.91 -27.84
N ASP A 184 11.99 -37.21 -27.87
CA ASP A 184 10.70 -37.81 -27.63
C ASP A 184 10.16 -37.41 -26.25
N LEU A 185 8.87 -37.06 -26.23
CA LEU A 185 8.14 -36.77 -25.00
C LEU A 185 7.33 -37.97 -24.58
N ALA A 186 7.09 -38.09 -23.27
CA ALA A 186 6.22 -39.15 -22.78
C ALA A 186 4.78 -38.86 -23.16
N VAL A 187 4.05 -39.93 -23.42
CA VAL A 187 2.64 -39.83 -23.72
C VAL A 187 1.88 -40.60 -22.69
N ILE A 188 0.92 -39.95 -22.07
CA ILE A 188 0.04 -40.62 -21.10
C ILE A 188 -1.33 -40.71 -21.79
N SER A 189 -1.86 -41.90 -21.96
CA SER A 189 -3.08 -42.09 -22.74
C SER A 189 -4.29 -42.14 -21.84
N VAL A 190 -5.37 -41.49 -22.29
CA VAL A 190 -6.66 -41.58 -21.63
C VAL A 190 -7.76 -41.73 -22.66
N THR A 191 -8.89 -42.25 -22.20
CA THR A 191 -10.07 -42.46 -23.04
C THR A 191 -11.16 -41.53 -22.54
N LYS A 192 -11.78 -40.75 -23.45
CA LYS A 192 -12.80 -39.80 -23.01
C LYS A 192 -13.91 -40.51 -22.26
N GLY A 193 -14.32 -39.92 -21.13
CA GLY A 193 -15.36 -40.50 -20.30
C GLY A 193 -14.87 -41.34 -19.15
N LYS A 194 -13.59 -41.67 -19.13
CA LYS A 194 -13.05 -42.45 -18.00
C LYS A 194 -12.37 -41.56 -16.99
N ARG A 195 -12.35 -42.05 -15.75
CA ARG A 195 -11.69 -41.39 -14.62
C ARG A 195 -10.46 -42.22 -14.23
N TYR A 196 -9.37 -41.53 -13.94
CA TYR A 196 -8.05 -42.17 -13.73
C TYR A 196 -7.51 -41.81 -12.38
N ARG A 197 -6.98 -42.80 -11.67
CA ARG A 197 -6.18 -42.49 -10.46
C ARG A 197 -4.73 -42.37 -10.92
N PHE A 198 -4.28 -41.14 -11.09
CA PHE A 198 -2.87 -40.93 -11.47
C PHE A 198 -2.07 -40.86 -10.18
N ARG A 199 -0.97 -41.62 -10.19
CA ARG A 199 -0.09 -41.71 -9.03
C ARG A 199 1.19 -41.00 -9.39
N LEU A 200 1.33 -39.79 -8.85
CA LEU A 200 2.41 -38.89 -9.18
C LEU A 200 3.53 -39.09 -8.17
N VAL A 201 4.71 -39.44 -8.68
CA VAL A 201 5.84 -39.85 -7.83
C VAL A 201 7.02 -38.94 -8.13
N SER A 202 7.50 -38.19 -7.14
CA SER A 202 8.75 -37.47 -7.33
C SER A 202 9.94 -38.39 -7.05
N LEU A 203 10.74 -38.63 -8.10
CA LEU A 203 12.02 -39.35 -7.96
C LEU A 203 13.13 -38.33 -7.89
N SER A 204 12.86 -37.10 -7.48
CA SER A 204 13.83 -36.04 -7.62
C SER A 204 15.03 -36.19 -6.69
N CYS A 205 16.20 -35.86 -7.24
CA CYS A 205 17.40 -35.64 -6.40
C CYS A 205 17.41 -34.27 -5.75
N ASP A 206 16.61 -33.32 -6.22
CA ASP A 206 16.76 -31.96 -5.74
C ASP A 206 15.52 -31.07 -6.00
N PRO A 207 15.22 -30.67 -7.26
CA PRO A 207 14.14 -29.71 -7.43
C PRO A 207 12.77 -30.23 -7.02
N ASN A 208 11.95 -29.26 -6.63
CA ASN A 208 10.51 -29.52 -6.52
C ASN A 208 9.87 -29.13 -7.85
N TYR A 209 8.70 -29.69 -8.11
CA TYR A 209 8.00 -29.44 -9.40
C TYR A 209 6.61 -28.91 -9.17
N THR A 210 6.21 -27.93 -9.99
CA THR A 210 4.83 -27.44 -9.98
C THR A 210 4.16 -28.10 -11.15
N PHE A 211 3.24 -29.03 -10.81
CA PHE A 211 2.66 -29.94 -11.76
C PHE A 211 1.22 -29.55 -12.10
N SER A 212 0.89 -29.59 -13.40
CA SER A 212 -0.47 -29.32 -13.82
C SER A 212 -0.73 -29.98 -15.17
N ILE A 213 -2.00 -30.09 -15.54
CA ILE A 213 -2.36 -30.67 -16.84
C ILE A 213 -3.36 -29.71 -17.47
N ASP A 214 -3.03 -29.18 -18.64
CA ASP A 214 -3.91 -28.18 -19.25
C ASP A 214 -5.32 -28.68 -19.39
N SER A 215 -6.24 -27.80 -19.00
CA SER A 215 -7.69 -27.99 -19.14
C SER A 215 -8.27 -29.04 -18.24
N HIS A 216 -7.47 -29.62 -17.34
CA HIS A 216 -7.99 -30.71 -16.48
C HIS A 216 -7.77 -30.42 -15.00
N GLN A 217 -8.81 -30.50 -14.21
CA GLN A 217 -8.62 -30.36 -12.77
C GLN A 217 -8.12 -31.67 -12.18
N LEU A 218 -7.47 -31.55 -11.01
CA LEU A 218 -6.84 -32.68 -10.34
C LEU A 218 -7.47 -32.80 -8.96
N THR A 219 -8.07 -33.96 -8.70
CA THR A 219 -8.67 -34.18 -7.37
C THR A 219 -7.74 -35.06 -6.54
N VAL A 220 -7.06 -34.42 -5.61
CA VAL A 220 -6.01 -35.10 -4.81
C VAL A 220 -6.66 -35.94 -3.73
N ILE A 221 -6.28 -37.21 -3.68
CA ILE A 221 -6.92 -38.21 -2.82
C ILE A 221 -5.92 -38.97 -1.94
N GLU A 222 -4.63 -38.68 -2.10
CA GLU A 222 -3.56 -39.39 -1.35
C GLU A 222 -2.34 -38.53 -1.33
N ALA A 223 -1.63 -38.51 -0.19
CA ALA A 223 -0.32 -37.84 -0.09
C ALA A 223 0.62 -38.78 0.64
N ASP A 224 1.78 -39.04 0.03
CA ASP A 224 2.85 -39.87 0.64
C ASP A 224 2.30 -41.15 1.26
N GLY A 225 1.49 -41.90 0.52
CA GLY A 225 1.01 -43.20 1.02
C GLY A 225 -0.29 -43.13 1.79
N VAL A 226 -0.72 -41.94 2.22
CA VAL A 226 -1.85 -41.84 3.16
C VAL A 226 -3.04 -41.24 2.43
N SER A 227 -4.17 -41.95 2.41
CA SER A 227 -5.37 -41.42 1.76
C SER A 227 -5.85 -40.15 2.45
N THR A 228 -6.28 -39.20 1.64
CA THR A 228 -6.76 -37.90 2.12
C THR A 228 -8.23 -37.68 1.72
N GLN A 229 -8.84 -36.72 2.38
CA GLN A 229 -10.15 -36.24 1.91
C GLN A 229 -9.90 -35.60 0.54
N PRO A 230 -10.79 -35.83 -0.44
CA PRO A 230 -10.58 -35.22 -1.78
C PRO A 230 -10.51 -33.70 -1.76
N VAL A 231 -9.53 -33.14 -2.48
CA VAL A 231 -9.41 -31.69 -2.70
C VAL A 231 -9.12 -31.45 -4.18
N THR A 232 -9.94 -30.62 -4.82
CA THR A 232 -9.76 -30.36 -6.25
C THR A 232 -8.97 -29.10 -6.48
N VAL A 233 -7.92 -29.22 -7.29
CA VAL A 233 -7.00 -28.12 -7.56
C VAL A 233 -6.63 -28.09 -9.02
N ASP A 234 -5.91 -27.03 -9.41
CA ASP A 234 -5.33 -26.98 -10.77
C ASP A 234 -3.87 -27.41 -10.81
N SER A 235 -3.12 -27.11 -9.76
CA SER A 235 -1.71 -27.48 -9.75
C SER A 235 -1.30 -28.00 -8.39
N ILE A 236 -0.21 -28.77 -8.40
CA ILE A 236 0.34 -29.38 -7.19
C ILE A 236 1.83 -29.07 -7.18
N GLN A 237 2.37 -28.57 -6.07
CA GLN A 237 3.83 -28.42 -5.97
C GLN A 237 4.34 -29.64 -5.18
N ILE A 238 5.18 -30.43 -5.84
CA ILE A 238 5.59 -31.72 -5.27
C ILE A 238 7.09 -31.70 -5.00
N PHE A 239 7.44 -31.80 -3.73
CA PHE A 239 8.84 -31.74 -3.32
C PHE A 239 9.54 -33.06 -3.52
N ALA A 240 10.87 -33.05 -3.46
CA ALA A 240 11.61 -34.27 -3.68
C ALA A 240 11.13 -35.38 -2.78
N ALA A 241 10.83 -36.52 -3.39
CA ALA A 241 10.45 -37.75 -2.70
C ALA A 241 9.02 -37.82 -2.24
N GLN A 242 8.25 -36.75 -2.42
CA GLN A 242 6.79 -36.83 -2.14
C GLN A 242 6.03 -37.61 -3.22
N ARG A 243 4.79 -38.01 -2.86
CA ARG A 243 3.88 -38.68 -3.80
C ARG A 243 2.49 -38.13 -3.58
N TYR A 244 1.74 -38.02 -4.67
CA TYR A 244 0.29 -37.73 -4.57
C TYR A 244 -0.46 -38.66 -5.49
N SER A 245 -1.68 -39.05 -5.12
CA SER A 245 -2.62 -39.55 -6.14
C SER A 245 -3.61 -38.46 -6.41
N PHE A 246 -3.94 -38.29 -7.69
CA PHE A 246 -5.07 -37.42 -7.99
C PHE A 246 -5.96 -38.09 -9.01
N VAL A 247 -7.27 -37.80 -8.95
CA VAL A 247 -8.19 -38.30 -9.96
C VAL A 247 -8.31 -37.25 -11.06
N LEU A 248 -8.16 -37.73 -12.29
CA LEU A 248 -8.40 -36.93 -13.50
C LEU A 248 -9.60 -37.55 -14.21
N ASN A 249 -10.57 -36.69 -14.50
CA ASN A 249 -11.75 -37.07 -15.28
C ASN A 249 -11.48 -36.64 -16.73
N ALA A 250 -11.40 -37.61 -17.63
CA ALA A 250 -11.06 -37.31 -19.03
C ALA A 250 -12.33 -36.82 -19.73
N ASN A 251 -12.74 -35.61 -19.34
CA ASN A 251 -14.05 -35.14 -19.80
C ASN A 251 -13.94 -33.96 -20.73
N GLN A 252 -12.74 -33.70 -21.23
CA GLN A 252 -12.52 -32.63 -22.20
C GLN A 252 -12.66 -33.19 -23.61
N ASP A 253 -12.46 -32.33 -24.61
CA ASP A 253 -12.52 -32.82 -25.98
C ASP A 253 -11.39 -33.84 -26.22
N VAL A 254 -11.64 -34.75 -27.16
CA VAL A 254 -10.57 -35.60 -27.66
C VAL A 254 -9.49 -34.71 -28.29
N ASP A 255 -8.31 -34.69 -27.68
CA ASP A 255 -7.25 -33.77 -28.09
C ASP A 255 -5.96 -34.13 -27.37
N ASN A 256 -4.94 -33.31 -27.59
CA ASN A 256 -3.65 -33.42 -26.90
C ASN A 256 -3.53 -32.24 -25.96
N TYR A 257 -3.15 -32.53 -24.70
CA TYR A 257 -3.02 -31.50 -23.66
C TYR A 257 -1.65 -31.57 -23.02
N TRP A 258 -1.03 -30.44 -22.77
CA TRP A 258 0.29 -30.47 -22.09
C TRP A 258 0.15 -30.87 -20.62
N ILE A 259 1.05 -31.76 -20.23
CA ILE A 259 1.32 -32.09 -18.81
C ILE A 259 2.58 -31.30 -18.51
N ARG A 260 2.53 -30.48 -17.46
CA ARG A 260 3.59 -29.55 -17.15
C ARG A 260 4.18 -29.90 -15.80
N ALA A 261 5.51 -29.90 -15.71
CA ALA A 261 6.20 -30.09 -14.42
C ALA A 261 7.35 -29.11 -14.32
N ASN A 262 7.08 -27.96 -13.73
CA ASN A 262 8.03 -26.84 -13.75
C ASN A 262 8.94 -26.89 -12.52
N PRO A 263 10.25 -27.07 -12.71
CA PRO A 263 11.09 -27.15 -11.51
C PRO A 263 11.28 -25.77 -10.87
N ASN A 264 11.71 -25.75 -9.59
CA ASN A 264 11.93 -24.47 -8.94
C ASN A 264 13.16 -23.71 -9.40
N PHE A 265 14.09 -24.42 -10.03
CA PHE A 265 15.28 -23.78 -10.58
C PHE A 265 15.83 -24.69 -11.66
N GLY A 266 16.84 -24.20 -12.40
CA GLY A 266 17.35 -24.94 -13.54
C GLY A 266 16.77 -24.32 -14.79
N THR A 267 16.37 -25.13 -15.76
CA THR A 267 15.64 -24.61 -16.93
C THR A 267 14.18 -24.56 -16.54
N THR A 268 13.61 -23.36 -16.41
CA THR A 268 12.21 -23.22 -16.02
C THR A 268 11.36 -22.86 -17.23
N GLY A 269 10.04 -23.03 -17.10
CA GLY A 269 9.13 -22.72 -18.20
C GLY A 269 9.07 -23.87 -19.20
N PHE A 270 8.55 -23.61 -20.40
CA PHE A 270 8.14 -24.68 -21.30
C PHE A 270 8.55 -24.47 -22.76
N ALA A 271 9.57 -23.64 -22.98
CA ALA A 271 10.02 -23.36 -24.37
C ALA A 271 10.43 -24.67 -25.03
N ASP A 272 9.94 -24.89 -26.25
CA ASP A 272 10.23 -26.10 -27.03
C ASP A 272 9.81 -27.39 -26.33
N GLY A 273 8.92 -27.26 -25.35
CA GLY A 273 8.36 -28.45 -24.73
C GLY A 273 9.26 -29.08 -23.66
N VAL A 274 10.23 -28.34 -23.17
CA VAL A 274 10.94 -28.79 -21.97
C VAL A 274 9.92 -28.82 -20.83
N ASN A 275 10.26 -29.61 -19.78
CA ASN A 275 9.43 -29.68 -18.56
C ASN A 275 7.98 -30.10 -18.85
N SER A 276 7.81 -30.93 -19.88
CA SER A 276 6.50 -31.27 -20.40
C SER A 276 6.37 -32.73 -20.81
N ALA A 277 5.13 -33.19 -20.80
CA ALA A 277 4.74 -34.44 -21.43
C ALA A 277 3.36 -34.21 -22.08
N ILE A 278 2.80 -35.27 -22.65
CA ILE A 278 1.58 -35.15 -23.44
C ILE A 278 0.49 -36.04 -22.88
N LEU A 279 -0.65 -35.42 -22.54
CA LEU A 279 -1.85 -36.20 -22.23
C LEU A 279 -2.61 -36.36 -23.55
N ARG A 280 -2.67 -37.59 -24.05
CA ARG A 280 -3.26 -37.81 -25.41
C ARG A 280 -4.52 -38.63 -25.28
N TYR A 281 -5.65 -38.06 -25.68
CA TYR A 281 -6.87 -38.82 -25.70
C TYR A 281 -6.86 -39.83 -26.83
N ASP A 282 -7.43 -41.00 -26.58
CA ASP A 282 -7.65 -41.97 -27.64
C ASP A 282 -8.40 -41.28 -28.77
N ASP A 283 -7.96 -41.55 -29.99
CA ASP A 283 -8.53 -40.99 -31.20
C ASP A 283 -7.98 -39.62 -31.59
N ALA A 284 -7.14 -39.01 -30.76
CA ALA A 284 -6.48 -37.78 -31.14
C ALA A 284 -5.29 -38.08 -32.06
N ASP A 285 -4.89 -37.12 -32.88
CA ASP A 285 -3.74 -37.33 -33.75
C ASP A 285 -2.49 -37.36 -32.91
N PRO A 286 -1.42 -38.03 -33.39
CA PRO A 286 -0.20 -38.10 -32.58
C PRO A 286 0.71 -36.90 -32.79
N VAL A 287 0.18 -35.75 -32.35
CA VAL A 287 0.90 -34.48 -32.44
C VAL A 287 1.10 -33.85 -31.06
N GLU A 288 1.96 -32.83 -30.98
CA GLU A 288 2.15 -32.10 -29.72
C GLU A 288 0.92 -31.29 -29.40
N PRO A 289 0.64 -31.13 -28.10
CA PRO A 289 -0.40 -30.19 -27.71
C PRO A 289 -0.08 -28.78 -28.14
N VAL A 290 -1.12 -27.95 -28.24
CA VAL A 290 -0.95 -26.49 -28.39
C VAL A 290 -1.81 -25.77 -27.35
N THR A 291 -2.17 -26.48 -26.28
CA THR A 291 -3.01 -25.93 -25.22
C THR A 291 -2.25 -24.95 -24.32
N ASN A 292 -3.02 -24.17 -23.56
CA ASN A 292 -2.46 -23.22 -22.60
C ASN A 292 -2.83 -23.61 -21.20
N GLN A 293 -2.01 -23.22 -20.22
CA GLN A 293 -2.38 -23.42 -18.83
C GLN A 293 -3.47 -22.42 -18.46
N THR A 294 -4.52 -22.87 -17.81
CA THR A 294 -5.55 -21.93 -17.37
C THR A 294 -5.68 -21.94 -15.85
N GLY A 295 -5.22 -23.02 -15.22
CA GLY A 295 -5.28 -23.16 -13.75
C GLY A 295 -5.00 -21.96 -12.87
N THR A 296 -5.71 -21.83 -11.77
CA THR A 296 -5.38 -20.77 -10.84
C THR A 296 -5.13 -21.24 -9.41
N THR A 297 -5.48 -22.48 -9.12
CA THR A 297 -5.52 -22.95 -7.74
C THR A 297 -4.39 -23.96 -7.47
N LEU A 298 -3.44 -23.55 -6.63
CA LEU A 298 -2.34 -24.43 -6.21
C LEU A 298 -2.70 -25.08 -4.89
N LEU A 299 -2.54 -26.41 -4.82
CA LEU A 299 -2.79 -27.15 -3.58
C LEU A 299 -2.00 -26.55 -2.42
N LEU A 300 -2.67 -26.34 -1.29
CA LEU A 300 -2.01 -26.02 -0.04
C LEU A 300 -1.93 -27.30 0.82
N GLU A 301 -0.78 -27.51 1.45
CA GLU A 301 -0.64 -28.67 2.34
C GLU A 301 -1.63 -28.62 3.51
N THR A 302 -1.99 -27.39 3.90
CA THR A 302 -2.97 -27.22 4.98
C THR A 302 -4.37 -27.65 4.59
N ASP A 303 -4.60 -27.91 3.31
CA ASP A 303 -5.91 -28.44 2.89
C ASP A 303 -5.91 -29.92 2.72
N LEU A 304 -4.77 -30.58 2.98
CA LEU A 304 -4.73 -32.01 3.03
C LEU A 304 -5.07 -32.51 4.43
N HIS A 305 -6.01 -33.45 4.51
CA HIS A 305 -6.44 -34.03 5.79
C HIS A 305 -6.67 -35.49 5.57
N PRO A 306 -6.36 -36.34 6.56
CA PRO A 306 -6.51 -37.78 6.33
C PRO A 306 -7.96 -38.19 6.10
N LEU A 307 -8.15 -39.20 5.24
CA LEU A 307 -9.48 -39.74 5.00
C LEU A 307 -10.08 -40.32 6.25
N THR A 308 -9.25 -41.01 7.04
CA THR A 308 -9.72 -41.58 8.31
C THR A 308 -9.14 -40.75 9.45
N SER A 309 -9.85 -40.65 10.57
CA SER A 309 -9.40 -39.78 11.66
C SER A 309 -8.06 -40.30 12.22
N MET A 310 -7.05 -39.41 12.26
CA MET A 310 -5.68 -39.74 12.75
C MET A 310 -5.27 -38.69 13.77
N PRO A 311 -5.64 -38.90 15.03
CA PRO A 311 -5.39 -37.90 16.06
C PRO A 311 -3.90 -37.60 16.20
N VAL A 312 -3.62 -36.36 16.56
CA VAL A 312 -2.25 -35.88 16.74
C VAL A 312 -1.73 -36.25 18.13
N PRO A 313 -0.60 -36.98 18.20
CA PRO A 313 0.05 -37.34 19.47
C PRO A 313 0.40 -36.11 20.27
N GLY A 314 0.27 -36.21 21.59
CA GLY A 314 0.70 -35.12 22.48
C GLY A 314 -0.34 -34.05 22.77
N ASN A 315 0.04 -33.08 23.58
CA ASN A 315 -0.88 -31.97 23.92
C ASN A 315 -0.93 -30.90 22.85
N PRO A 316 -2.07 -30.24 22.68
CA PRO A 316 -2.23 -29.20 21.66
C PRO A 316 -1.62 -27.84 21.98
N THR A 317 -0.31 -27.84 22.22
CA THR A 317 0.46 -26.64 22.45
C THR A 317 1.87 -26.85 21.90
N GLN A 318 2.57 -25.75 21.69
CA GLN A 318 3.96 -25.80 21.21
C GLN A 318 4.73 -26.46 22.29
N GLY A 319 5.55 -27.45 21.93
CA GLY A 319 6.31 -28.17 22.94
C GLY A 319 5.47 -29.11 23.80
N GLY A 320 4.31 -29.50 23.28
CA GLY A 320 3.34 -30.31 24.04
C GLY A 320 3.51 -31.81 23.95
N ALA A 321 4.58 -32.28 23.31
CA ALA A 321 4.82 -33.72 23.23
C ALA A 321 5.61 -34.22 24.45
N ASP A 322 5.75 -35.54 24.54
CA ASP A 322 6.59 -36.08 25.63
C ASP A 322 8.07 -35.70 25.48
N LEU A 323 8.55 -35.68 24.23
CA LEU A 323 9.91 -35.28 23.90
C LEU A 323 9.80 -34.28 22.75
N ASN A 324 10.45 -33.13 22.91
CA ASN A 324 10.38 -32.05 21.96
C ASN A 324 11.79 -31.72 21.50
N LEU A 325 12.04 -31.94 20.21
CA LEU A 325 13.39 -31.73 19.64
C LEU A 325 13.34 -30.63 18.61
N ASN A 326 14.37 -29.80 18.55
CA ASN A 326 14.47 -28.79 17.52
C ASN A 326 15.69 -29.12 16.70
N MET A 327 15.55 -28.98 15.38
CA MET A 327 16.69 -29.25 14.49
C MET A 327 17.18 -27.90 13.95
N ALA A 328 18.29 -27.43 14.50
CA ALA A 328 18.86 -26.13 14.11
C ALA A 328 19.86 -26.32 12.97
N PHE A 329 19.55 -25.77 11.81
CA PHE A 329 20.35 -25.98 10.60
C PHE A 329 21.55 -25.01 10.52
N ASN A 330 22.63 -25.49 9.93
CA ASN A 330 23.72 -24.61 9.58
C ASN A 330 24.49 -25.18 8.39
N PHE A 331 25.53 -24.45 7.98
CA PHE A 331 26.25 -24.78 6.77
C PHE A 331 27.57 -24.02 6.81
N ASP A 332 28.64 -24.64 6.32
CA ASP A 332 29.97 -23.99 6.34
C ASP A 332 30.54 -23.73 4.96
N GLY A 333 29.70 -23.85 3.93
CA GLY A 333 30.11 -23.69 2.53
C GLY A 333 30.31 -25.01 1.83
N THR A 334 30.51 -26.06 2.62
CA THR A 334 30.80 -27.41 2.12
C THR A 334 29.85 -28.45 2.77
N ASN A 335 29.76 -28.38 4.10
CA ASN A 335 28.99 -29.33 4.91
C ASN A 335 27.78 -28.65 5.53
N PHE A 336 26.69 -29.40 5.63
CA PHE A 336 25.50 -29.02 6.42
C PHE A 336 25.62 -29.58 7.83
N PHE A 337 24.95 -28.88 8.74
CA PHE A 337 24.96 -29.24 10.16
C PHE A 337 23.53 -29.23 10.68
N ILE A 338 23.28 -30.12 11.63
CA ILE A 338 22.03 -30.07 12.41
C ILE A 338 22.49 -30.10 13.88
N ASN A 339 22.07 -29.06 14.62
CA ASN A 339 22.50 -28.91 16.00
C ASN A 339 24.02 -29.04 16.12
N GLY A 340 24.71 -28.40 15.16
CA GLY A 340 26.16 -28.29 15.24
C GLY A 340 26.94 -29.47 14.71
N GLU A 341 26.25 -30.52 14.21
CA GLU A 341 26.93 -31.75 13.84
C GLU A 341 26.56 -32.15 12.43
N SER A 342 27.56 -32.59 11.66
CA SER A 342 27.34 -32.92 10.24
C SER A 342 27.38 -34.43 10.09
N PHE A 343 26.46 -34.98 9.28
CA PHE A 343 26.42 -36.43 9.18
C PHE A 343 27.46 -36.93 8.22
N THR A 344 28.45 -37.65 8.71
CA THR A 344 29.32 -38.39 7.82
C THR A 344 29.03 -39.87 8.10
N PRO A 345 28.97 -40.72 7.07
CA PRO A 345 28.65 -42.14 7.32
C PRO A 345 29.67 -42.76 8.26
N PRO A 346 29.20 -43.48 9.28
CA PRO A 346 30.16 -44.17 10.16
C PRO A 346 30.65 -45.44 9.51
N THR A 347 31.81 -45.94 9.95
CA THR A 347 32.31 -47.20 9.42
C THR A 347 31.38 -48.35 9.70
N VAL A 348 30.85 -48.34 10.93
CA VAL A 348 29.97 -49.40 11.35
C VAL A 348 28.55 -48.88 11.24
N PRO A 349 27.68 -49.59 10.50
CA PRO A 349 26.30 -49.06 10.44
C PRO A 349 25.67 -48.93 11.82
N VAL A 350 24.83 -47.90 11.99
CA VAL A 350 24.25 -47.64 13.29
C VAL A 350 23.53 -48.86 13.82
N LEU A 351 22.79 -49.58 12.99
CA LEU A 351 22.12 -50.80 13.51
C LEU A 351 23.14 -51.81 14.04
N LEU A 352 24.26 -51.98 13.34
CA LEU A 352 25.28 -52.95 13.82
C LEU A 352 25.98 -52.41 15.08
N GLN A 353 26.14 -51.10 15.20
CA GLN A 353 26.67 -50.55 16.47
C GLN A 353 25.79 -50.92 17.62
N ILE A 354 24.48 -50.85 17.44
CA ILE A 354 23.54 -51.17 18.52
C ILE A 354 23.55 -52.66 18.80
N ILE A 355 23.62 -53.49 17.78
CA ILE A 355 23.69 -54.94 17.97
C ILE A 355 24.93 -55.28 18.80
N SER A 356 26.03 -54.56 18.55
CA SER A 356 27.26 -54.87 19.28
C SER A 356 27.18 -54.44 20.72
N GLY A 357 26.23 -53.57 21.07
CA GLY A 357 26.11 -53.14 22.45
C GLY A 357 25.97 -51.67 22.76
N ALA A 358 26.15 -50.78 21.78
CA ALA A 358 26.01 -49.35 22.08
C ALA A 358 24.58 -49.08 22.55
N ASN A 359 24.40 -48.37 23.65
CA ASN A 359 23.05 -48.26 24.17
C ASN A 359 22.64 -46.90 24.62
N THR A 360 23.44 -45.90 24.26
CA THR A 360 23.05 -44.52 24.47
C THR A 360 23.32 -43.78 23.18
N ALA A 361 22.60 -42.69 22.99
CA ALA A 361 22.87 -41.84 21.82
C ALA A 361 24.36 -41.49 21.79
N GLN A 362 24.97 -41.25 22.94
CA GLN A 362 26.37 -40.79 22.97
C GLN A 362 27.43 -41.86 22.69
N ASP A 363 27.03 -43.11 22.67
CA ASP A 363 27.96 -44.16 22.29
C ASP A 363 27.85 -44.50 20.81
N LEU A 364 26.95 -43.80 20.11
CA LEU A 364 26.68 -44.08 18.70
C LEU A 364 27.40 -43.07 17.83
N LEU A 365 27.98 -43.56 16.73
CA LEU A 365 28.65 -42.68 15.74
C LEU A 365 27.75 -42.50 14.50
N PRO A 366 27.87 -41.33 13.85
CA PRO A 366 28.80 -40.22 14.08
C PRO A 366 28.43 -39.39 15.30
N SER A 367 29.47 -38.76 15.87
CA SER A 367 29.32 -38.03 17.13
C SER A 367 28.26 -36.97 17.07
N GLY A 368 27.33 -37.01 18.01
CA GLY A 368 26.37 -35.91 18.14
C GLY A 368 25.27 -35.86 17.09
N SER A 369 25.15 -36.93 16.30
CA SER A 369 24.14 -36.97 15.21
C SER A 369 23.01 -37.94 15.49
N VAL A 370 23.07 -38.63 16.62
CA VAL A 370 22.09 -39.65 16.96
C VAL A 370 21.30 -39.22 18.19
N TYR A 371 19.99 -39.41 18.09
CA TYR A 371 19.04 -39.00 19.15
C TYR A 371 18.29 -40.21 19.64
N SER A 372 18.32 -40.47 20.95
CA SER A 372 17.55 -41.56 21.56
C SER A 372 16.10 -41.12 21.74
N LEU A 373 15.15 -41.92 21.24
CA LEU A 373 13.74 -41.61 21.49
C LEU A 373 13.18 -42.68 22.41
N PRO A 374 12.40 -42.25 23.41
CA PRO A 374 11.77 -43.24 24.28
C PRO A 374 10.58 -43.84 23.56
N SER A 375 10.27 -45.10 23.84
CA SER A 375 9.11 -45.75 23.26
C SER A 375 7.79 -45.22 23.77
N ASN A 376 6.72 -45.49 23.02
CA ASN A 376 5.37 -45.17 23.46
C ASN A 376 5.20 -43.73 23.91
N SER A 377 5.84 -42.84 23.16
CA SER A 377 5.84 -41.43 23.51
C SER A 377 5.48 -40.62 22.31
N SER A 378 4.92 -39.45 22.56
CA SER A 378 4.73 -38.49 21.49
C SER A 378 6.00 -37.68 21.33
N ILE A 379 6.36 -37.41 20.06
CA ILE A 379 7.58 -36.67 19.75
C ILE A 379 7.19 -35.49 18.88
N GLU A 380 7.67 -34.29 19.22
CA GLU A 380 7.53 -33.12 18.38
C GLU A 380 8.91 -32.76 17.86
N ILE A 381 9.00 -32.54 16.55
CA ILE A 381 10.26 -32.02 15.99
C ILE A 381 9.97 -30.78 15.18
N THR A 382 10.78 -29.75 15.40
CA THR A 382 10.68 -28.52 14.64
C THR A 382 11.92 -28.35 13.78
N PHE A 383 11.71 -27.74 12.60
CA PHE A 383 12.79 -27.56 11.60
C PHE A 383 12.78 -26.11 11.15
N PRO A 384 13.09 -25.17 12.06
CA PRO A 384 12.93 -23.77 11.65
C PRO A 384 13.78 -23.38 10.46
N ALA A 385 13.18 -22.70 9.49
CA ALA A 385 13.93 -22.29 8.30
C ALA A 385 14.89 -21.19 8.69
N THR A 386 16.07 -21.22 8.10
CA THR A 386 17.10 -20.25 8.47
C THR A 386 18.00 -19.97 7.29
N THR A 387 18.45 -18.71 7.19
CA THR A 387 19.39 -18.34 6.13
C THR A 387 20.74 -19.02 6.33
N ALA A 388 20.97 -19.62 7.51
CA ALA A 388 22.21 -20.33 7.80
C ALA A 388 22.35 -21.63 7.01
N ALA A 389 21.26 -22.09 6.39
CA ALA A 389 21.26 -23.33 5.58
C ALA A 389 20.73 -23.07 4.16
N PRO A 390 21.63 -22.62 3.26
CA PRO A 390 21.20 -22.34 1.89
C PRO A 390 20.57 -23.55 1.23
N GLY A 391 19.79 -23.31 0.18
CA GLY A 391 19.10 -24.37 -0.57
C GLY A 391 17.67 -24.60 -0.13
N ALA A 392 17.10 -23.70 0.68
CA ALA A 392 15.66 -23.78 1.02
C ALA A 392 14.83 -23.71 -0.25
N PRO A 393 13.65 -24.34 -0.26
CA PRO A 393 13.06 -25.11 0.83
C PRO A 393 13.57 -26.57 0.88
N HIS A 394 14.04 -26.96 2.08
CA HIS A 394 14.59 -28.30 2.30
C HIS A 394 13.42 -29.23 2.65
N PRO A 395 13.23 -30.29 1.84
CA PRO A 395 12.19 -31.26 2.15
C PRO A 395 12.72 -32.37 3.04
N PHE A 396 12.29 -32.38 4.29
CA PHE A 396 12.81 -33.37 5.24
C PHE A 396 11.99 -34.64 5.26
N HIS A 397 12.70 -35.75 5.45
CA HIS A 397 12.07 -37.08 5.41
C HIS A 397 12.44 -37.88 6.65
N LEU A 398 11.44 -38.48 7.29
CA LEU A 398 11.66 -39.39 8.41
C LEU A 398 11.39 -40.80 7.98
N HIS A 399 12.37 -41.68 8.18
CA HIS A 399 12.18 -43.11 7.94
C HIS A 399 11.34 -43.76 9.04
N GLY A 400 10.74 -44.91 8.72
CA GLY A 400 10.08 -45.73 9.74
C GLY A 400 8.71 -45.23 10.16
N HIS A 401 8.25 -44.08 9.62
CA HIS A 401 7.09 -43.41 10.20
C HIS A 401 6.41 -42.52 9.19
N VAL A 402 5.09 -42.35 9.33
CA VAL A 402 4.47 -41.11 8.92
C VAL A 402 4.41 -40.15 10.11
N PHE A 403 4.23 -38.87 9.83
CA PHE A 403 4.11 -37.89 10.90
C PHE A 403 3.03 -36.90 10.54
N ALA A 404 2.49 -36.27 11.57
CA ALA A 404 1.49 -35.22 11.39
C ALA A 404 2.20 -33.91 11.18
N VAL A 405 1.82 -33.19 10.12
CA VAL A 405 2.42 -31.89 9.89
C VAL A 405 1.55 -30.85 10.59
N VAL A 406 1.85 -30.66 11.86
CA VAL A 406 1.06 -29.68 12.65
C VAL A 406 1.15 -28.26 12.12
N ARG A 407 2.35 -27.86 11.72
CA ARG A 407 2.53 -26.59 11.06
C ARG A 407 3.27 -26.77 9.75
N SER A 408 2.67 -26.28 8.66
CA SER A 408 3.25 -26.39 7.31
C SER A 408 4.02 -25.15 6.92
N ALA A 409 4.86 -25.29 5.89
CA ALA A 409 5.53 -24.12 5.32
C ALA A 409 4.46 -23.18 4.75
N GLY A 410 4.70 -21.87 4.88
CA GLY A 410 3.81 -20.87 4.31
C GLY A 410 2.58 -20.65 5.16
N SER A 411 2.56 -21.22 6.35
CA SER A 411 1.42 -21.08 7.27
C SER A 411 1.94 -20.76 8.67
N THR A 412 1.24 -19.92 9.41
CA THR A 412 1.62 -19.69 10.80
C THR A 412 0.78 -20.45 11.78
N SER A 413 -0.17 -21.23 11.29
CA SER A 413 -1.07 -21.93 12.19
C SER A 413 -0.59 -23.31 12.61
N TYR A 414 -1.09 -23.76 13.75
CA TYR A 414 -0.84 -25.09 14.29
C TYR A 414 -2.14 -25.82 14.33
N ASN A 415 -2.18 -26.96 13.67
CA ASN A 415 -3.36 -27.79 13.59
C ASN A 415 -3.14 -29.07 14.38
N TYR A 416 -3.80 -29.16 15.54
CA TYR A 416 -3.75 -30.37 16.34
C TYR A 416 -4.97 -31.28 16.20
N ASP A 417 -5.82 -30.99 15.22
CA ASP A 417 -7.12 -31.70 15.05
C ASP A 417 -7.08 -32.66 13.87
N ASP A 418 -6.71 -32.13 12.69
CA ASP A 418 -6.71 -32.98 11.51
C ASP A 418 -5.64 -32.64 10.50
N PRO A 419 -4.40 -32.43 10.94
CA PRO A 419 -3.35 -32.16 9.94
C PRO A 419 -3.08 -33.39 9.10
N VAL A 420 -2.56 -33.13 7.90
CA VAL A 420 -2.06 -34.21 7.05
C VAL A 420 -1.01 -35.06 7.75
N TRP A 421 -1.03 -36.37 7.48
CA TRP A 421 0.07 -37.25 7.85
C TRP A 421 0.80 -37.59 6.57
N ARG A 422 2.13 -37.50 6.62
CA ARG A 422 2.90 -37.81 5.41
C ARG A 422 4.34 -38.17 5.84
N ASP A 423 5.26 -38.34 4.89
CA ASP A 423 6.62 -38.72 5.28
C ASP A 423 7.71 -37.83 4.74
N VAL A 424 7.36 -36.91 3.83
CA VAL A 424 8.35 -35.87 3.42
C VAL A 424 7.66 -34.52 3.51
N VAL A 425 8.29 -33.52 4.12
CA VAL A 425 7.64 -32.23 4.26
C VAL A 425 8.58 -31.10 3.91
N SER A 426 8.12 -30.15 3.09
CA SER A 426 8.92 -28.95 2.90
C SER A 426 9.08 -28.16 4.19
N THR A 427 10.31 -27.77 4.50
CA THR A 427 10.58 -26.93 5.69
C THR A 427 10.54 -25.44 5.36
N GLY A 428 10.15 -25.10 4.13
CA GLY A 428 9.86 -23.69 3.84
C GLY A 428 11.09 -22.80 3.76
N THR A 429 10.89 -21.51 4.07
CA THR A 429 11.97 -20.52 3.89
C THR A 429 12.05 -19.57 5.07
N PRO A 430 13.25 -19.01 5.33
CA PRO A 430 13.41 -18.05 6.42
C PRO A 430 12.66 -16.73 6.13
N GLN A 431 12.52 -16.39 4.85
CA GLN A 431 11.76 -15.18 4.46
C GLN A 431 10.32 -15.22 4.96
N ALA A 432 9.72 -16.40 4.93
CA ALA A 432 8.35 -16.61 5.43
C ALA A 432 8.29 -16.83 6.94
N GLY A 433 9.43 -16.88 7.62
CA GLY A 433 9.49 -17.14 9.05
C GLY A 433 8.96 -18.53 9.37
N ASP A 434 9.21 -19.49 8.48
CA ASP A 434 8.64 -20.83 8.69
C ASP A 434 9.22 -21.55 9.91
N ASN A 435 8.38 -22.39 10.52
CA ASN A 435 8.84 -23.24 11.59
C ASN A 435 8.03 -24.52 11.52
N VAL A 436 8.35 -25.30 10.48
CA VAL A 436 7.58 -26.52 10.22
C VAL A 436 7.71 -27.45 11.40
N THR A 437 6.58 -28.02 11.82
CA THR A 437 6.52 -28.75 13.08
C THR A 437 5.76 -30.05 12.85
N ILE A 438 6.37 -31.17 13.24
CA ILE A 438 5.74 -32.48 13.05
C ILE A 438 5.55 -33.18 14.38
N ARG A 439 4.61 -34.15 14.40
CA ARG A 439 4.40 -35.01 15.58
C ARG A 439 4.29 -36.47 15.16
N PHE A 440 4.82 -37.37 15.98
CA PHE A 440 4.58 -38.79 15.71
C PHE A 440 4.70 -39.51 17.04
N GLN A 441 4.29 -40.76 17.03
CA GLN A 441 4.36 -41.61 18.21
C GLN A 441 5.36 -42.74 17.99
N THR A 442 6.14 -43.07 19.04
CA THR A 442 7.20 -44.05 18.89
C THR A 442 6.75 -45.45 19.15
N ASP A 443 6.31 -46.12 18.10
CA ASP A 443 5.90 -47.51 18.23
C ASP A 443 6.72 -48.45 17.32
N ASN A 444 7.96 -48.08 16.98
CA ASN A 444 8.70 -48.82 15.97
C ASN A 444 10.21 -48.85 16.29
N PRO A 445 10.65 -49.74 17.16
CA PRO A 445 12.06 -49.76 17.57
C PRO A 445 13.04 -49.90 16.44
N GLY A 446 14.09 -49.07 16.43
CA GLY A 446 15.09 -49.15 15.37
C GLY A 446 15.74 -47.81 15.14
N PRO A 447 16.94 -47.80 14.55
CA PRO A 447 17.49 -46.50 14.11
C PRO A 447 16.90 -46.10 12.76
N TRP A 448 16.34 -44.90 12.73
CA TRP A 448 15.62 -44.42 11.54
C TRP A 448 16.24 -43.09 11.12
N PHE A 449 16.59 -42.98 9.83
CA PHE A 449 17.23 -41.77 9.33
C PHE A 449 16.21 -40.61 9.27
N LEU A 450 16.71 -39.39 9.48
CA LEU A 450 15.90 -38.17 9.38
C LEU A 450 16.78 -37.17 8.63
N HIS A 451 16.36 -36.75 7.44
CA HIS A 451 17.32 -35.99 6.63
C HIS A 451 16.63 -35.20 5.56
N CYS A 452 17.35 -34.20 5.03
CA CYS A 452 16.86 -33.50 3.85
C CYS A 452 16.94 -34.48 2.66
N HIS A 453 15.86 -34.52 1.86
CA HIS A 453 15.83 -35.43 0.70
C HIS A 453 16.35 -34.82 -0.60
N ILE A 454 16.92 -33.60 -0.52
CA ILE A 454 17.81 -33.13 -1.61
C ILE A 454 19.11 -33.92 -1.43
N ASP A 455 19.34 -34.86 -2.36
CA ASP A 455 20.38 -35.89 -2.16
C ASP A 455 21.76 -35.26 -2.02
N PHE A 456 21.97 -34.15 -2.72
CA PHE A 456 23.25 -33.44 -2.60
C PHE A 456 23.47 -32.88 -1.19
N HIS A 457 22.37 -32.49 -0.52
CA HIS A 457 22.48 -32.01 0.85
C HIS A 457 22.66 -33.15 1.84
N LEU A 458 21.93 -34.23 1.65
CA LEU A 458 22.16 -35.42 2.48
C LEU A 458 23.65 -35.84 2.42
N ASP A 459 24.20 -35.90 1.21
CA ASP A 459 25.57 -36.37 1.04
C ASP A 459 26.57 -35.39 1.67
N ALA A 460 26.16 -34.13 1.82
CA ALA A 460 26.95 -33.11 2.49
C ALA A 460 26.64 -33.01 3.98
N GLY A 461 25.91 -33.99 4.50
CA GLY A 461 25.78 -34.14 5.94
C GLY A 461 24.48 -33.69 6.59
N PHE A 462 23.48 -33.37 5.78
CA PHE A 462 22.24 -32.77 6.32
C PHE A 462 21.27 -33.87 6.81
N ALA A 463 21.67 -34.49 7.92
CA ALA A 463 20.98 -35.66 8.46
C ALA A 463 21.28 -35.90 9.91
N VAL A 464 20.32 -36.56 10.56
CA VAL A 464 20.49 -37.11 11.92
C VAL A 464 19.84 -38.47 11.95
N VAL A 465 20.04 -39.20 13.05
CA VAL A 465 19.42 -40.54 13.20
C VAL A 465 18.55 -40.48 14.42
N MET A 466 17.30 -40.98 14.29
CA MET A 466 16.40 -41.19 15.43
C MET A 466 16.60 -42.63 15.90
N ALA A 467 17.27 -42.82 17.05
CA ALA A 467 17.48 -44.17 17.57
C ALA A 467 16.30 -44.46 18.48
N GLU A 468 15.27 -45.08 17.90
CA GLU A 468 13.99 -45.25 18.59
C GLU A 468 13.98 -46.53 19.45
N ASP A 469 13.74 -46.35 20.75
CA ASP A 469 13.63 -47.45 21.73
C ASP A 469 14.86 -48.35 21.65
N ILE A 470 16.03 -47.72 21.83
CA ILE A 470 17.28 -48.44 21.87
C ILE A 470 17.25 -49.81 22.61
N PRO A 471 16.66 -49.87 23.82
CA PRO A 471 16.64 -51.17 24.53
C PRO A 471 16.04 -52.33 23.78
N ASN A 472 15.13 -52.05 22.84
CA ASN A 472 14.49 -53.14 22.10
C ASN A 472 14.79 -53.15 20.61
N THR A 473 15.76 -52.36 20.17
CA THR A 473 16.15 -52.44 18.76
C THR A 473 16.56 -53.86 18.35
N VAL A 474 17.34 -54.54 19.21
CA VAL A 474 17.81 -55.86 18.83
C VAL A 474 16.68 -56.89 18.93
N ASN A 475 15.89 -56.76 20.00
CA ASN A 475 14.77 -57.67 20.23
C ASN A 475 13.81 -57.65 19.02
N ALA A 476 13.54 -56.44 18.54
CA ALA A 476 12.48 -56.23 17.56
C ALA A 476 12.89 -56.58 16.14
N ASN A 477 14.20 -56.55 15.86
CA ASN A 477 14.68 -56.62 14.48
C ASN A 477 15.69 -57.72 14.29
N PRO A 478 15.27 -58.98 14.45
CA PRO A 478 16.24 -60.05 14.25
C PRO A 478 16.75 -59.99 12.82
N VAL A 479 18.05 -60.24 12.64
CA VAL A 479 18.68 -60.03 11.33
C VAL A 479 19.02 -61.34 10.66
N PRO A 480 18.88 -61.43 9.34
CA PRO A 480 19.25 -62.66 8.66
C PRO A 480 20.74 -62.79 8.49
N GLN A 481 21.19 -64.04 8.28
CA GLN A 481 22.60 -64.27 8.08
C GLN A 481 23.21 -63.41 6.98
N ALA A 482 22.49 -63.27 5.85
CA ALA A 482 23.01 -62.51 4.74
C ALA A 482 23.29 -61.05 5.13
N TRP A 483 22.42 -60.51 6.00
CA TRP A 483 22.66 -59.17 6.52
C TRP A 483 23.93 -59.13 7.40
N SER A 484 24.09 -60.10 8.32
CA SER A 484 25.31 -60.16 9.13
C SER A 484 26.57 -60.28 8.29
N ASN A 485 26.46 -60.87 7.09
CA ASN A 485 27.63 -61.03 6.24
C ASN A 485 27.96 -59.81 5.39
N LEU A 486 27.03 -58.84 5.32
CA LEU A 486 27.32 -57.70 4.46
C LEU A 486 28.53 -56.90 4.86
N CYS A 487 28.66 -56.55 6.14
CA CYS A 487 29.75 -55.67 6.52
C CYS A 487 31.13 -56.33 6.38
N PRO A 488 31.27 -57.60 6.85
CA PRO A 488 32.61 -58.19 6.62
C PRO A 488 32.98 -58.24 5.13
N THR A 489 32.00 -58.54 4.26
CA THR A 489 32.30 -58.56 2.83
C THR A 489 32.66 -57.17 2.33
N TYR A 490 31.87 -56.18 2.74
CA TYR A 490 32.11 -54.83 2.27
C TYR A 490 33.48 -54.32 2.74
N ASP A 491 33.80 -54.57 4.02
CA ASP A 491 35.02 -54.03 4.57
C ASP A 491 36.25 -54.70 3.98
N ALA A 492 36.10 -55.89 3.44
CA ALA A 492 37.22 -56.58 2.76
C ALA A 492 37.44 -56.11 1.29
N LEU A 493 36.55 -55.29 0.75
CA LEU A 493 36.72 -54.82 -0.64
C LEU A 493 37.86 -53.82 -0.78
N GLU A 494 38.54 -53.84 -1.94
CA GLU A 494 39.42 -52.74 -2.31
C GLU A 494 38.60 -51.45 -2.39
N PRO A 495 39.17 -50.31 -1.99
CA PRO A 495 38.42 -49.06 -2.13
C PRO A 495 37.88 -48.83 -3.55
N SER A 496 38.61 -49.26 -4.57
CA SER A 496 38.15 -49.04 -5.95
C SER A 496 36.94 -49.90 -6.29
N ASN A 497 36.55 -50.82 -5.40
CA ASN A 497 35.38 -51.66 -5.64
C ASN A 497 34.18 -51.23 -4.82
N GLU A 498 34.34 -50.15 -4.08
CA GLU A 498 33.24 -49.53 -3.36
C GLU A 498 32.29 -48.80 -4.35
N ALA B 1 -16.57 21.47 6.94
CA ALA B 1 -16.48 22.16 5.62
C ALA B 1 -17.72 21.80 4.79
N VAL B 2 -18.18 22.76 3.99
CA VAL B 2 -19.23 22.49 3.02
C VAL B 2 -18.70 22.84 1.63
N GLY B 3 -19.37 22.33 0.60
CA GLY B 3 -19.01 22.64 -0.79
C GLY B 3 -18.30 21.50 -1.48
N PRO B 4 -18.13 21.59 -2.81
CA PRO B 4 -18.51 22.73 -3.66
C PRO B 4 -20.01 22.95 -3.96
N VAL B 5 -20.86 21.95 -3.66
CA VAL B 5 -22.30 22.09 -3.82
C VAL B 5 -22.92 22.12 -2.42
N ALA B 6 -23.62 23.19 -2.08
CA ALA B 6 -24.14 23.33 -0.72
C ALA B 6 -25.16 24.43 -0.60
N ASP B 7 -26.07 24.29 0.37
CA ASP B 7 -26.96 25.35 0.80
C ASP B 7 -26.23 26.13 1.89
N LEU B 8 -26.30 27.45 1.78
CA LEU B 8 -25.83 28.34 2.82
C LEU B 8 -27.02 29.09 3.33
N THR B 9 -27.47 28.73 4.55
CA THR B 9 -28.67 29.31 5.09
C THR B 9 -28.36 30.45 6.05
N VAL B 10 -28.88 31.64 5.77
CA VAL B 10 -28.51 32.84 6.49
C VAL B 10 -29.64 33.22 7.43
N THR B 11 -29.34 33.35 8.73
CA THR B 11 -30.35 33.66 9.73
C THR B 11 -29.79 34.73 10.68
N ASN B 12 -30.67 35.24 11.55
CA ASN B 12 -30.22 36.05 12.69
C ASN B 12 -30.17 35.15 13.92
N ALA B 13 -29.17 35.39 14.78
CA ALA B 13 -29.09 34.65 16.03
C ALA B 13 -28.30 35.49 17.04
N ASN B 14 -28.57 35.22 18.31
CA ASN B 14 -27.84 35.89 19.36
C ASN B 14 -26.65 35.01 19.70
N ILE B 15 -25.45 35.59 19.63
CA ILE B 15 -24.22 34.81 19.79
C ILE B 15 -23.32 35.51 20.80
N VAL B 16 -22.34 34.75 21.34
CA VAL B 16 -21.42 35.29 22.36
C VAL B 16 -19.97 34.84 22.13
N PRO B 17 -19.41 35.17 20.95
CA PRO B 17 -18.10 34.63 20.61
C PRO B 17 -16.99 35.13 21.55
N ASP B 18 -17.18 36.29 22.18
CA ASP B 18 -16.19 36.81 23.14
C ASP B 18 -16.80 36.86 24.55
N GLY B 19 -17.87 36.11 24.78
CA GLY B 19 -18.51 36.11 26.12
C GLY B 19 -19.59 37.17 26.32
N PHE B 20 -19.78 38.06 25.34
CA PHE B 20 -20.80 39.09 25.42
C PHE B 20 -21.86 38.76 24.39
N GLU B 21 -23.14 38.78 24.78
CA GLU B 21 -24.19 38.34 23.85
C GLU B 21 -24.72 39.46 22.98
N ARG B 22 -24.74 39.24 21.64
CA ARG B 22 -25.38 40.24 20.76
C ARG B 22 -26.07 39.53 19.60
N ALA B 23 -27.05 40.26 19.04
CA ALA B 23 -27.73 39.83 17.81
C ALA B 23 -26.74 39.95 16.65
N ALA B 24 -26.76 38.93 15.81
CA ALA B 24 -25.83 38.89 14.65
C ALA B 24 -26.46 38.21 13.48
N ILE B 25 -25.68 38.12 12.40
CA ILE B 25 -26.03 37.26 11.27
C ILE B 25 -25.15 36.04 11.29
N VAL B 26 -25.74 34.86 11.13
CA VAL B 26 -25.02 33.60 11.04
C VAL B 26 -25.39 32.84 9.78
N VAL B 27 -24.47 31.98 9.35
CA VAL B 27 -24.63 31.14 8.16
C VAL B 27 -24.51 29.71 8.66
N ASN B 28 -25.50 28.88 8.33
CA ASN B 28 -25.58 27.52 8.86
C ASN B 28 -25.36 27.52 10.39
N ASN B 29 -25.96 28.53 11.04
CA ASN B 29 -25.96 28.67 12.50
C ASN B 29 -24.62 28.97 13.14
N VAL B 30 -23.62 29.37 12.35
CA VAL B 30 -22.29 29.63 12.96
C VAL B 30 -21.69 30.96 12.55
N PHE B 31 -20.82 31.46 13.43
CA PHE B 31 -19.97 32.60 13.15
C PHE B 31 -18.56 32.23 13.59
N PRO B 32 -17.56 32.45 12.73
CA PRO B 32 -17.72 32.90 11.34
C PRO B 32 -18.55 31.91 10.53
N ALA B 33 -18.91 32.35 9.33
CA ALA B 33 -19.59 31.42 8.42
C ALA B 33 -18.70 30.19 8.16
N PRO B 34 -19.32 29.06 7.84
CA PRO B 34 -18.61 27.80 7.74
C PRO B 34 -17.55 27.82 6.62
N LEU B 35 -16.46 27.10 6.81
CA LEU B 35 -15.45 26.95 5.79
C LEU B 35 -16.05 26.26 4.57
N ILE B 36 -15.94 26.92 3.41
CA ILE B 36 -16.30 26.28 2.13
C ILE B 36 -15.04 25.80 1.47
N THR B 37 -15.09 24.60 0.91
CA THR B 37 -13.93 24.04 0.22
C THR B 37 -14.27 23.41 -1.11
N GLY B 38 -13.25 23.32 -1.95
CA GLY B 38 -13.31 22.55 -3.18
C GLY B 38 -11.91 22.46 -3.74
N ASN B 39 -11.78 21.97 -4.99
CA ASN B 39 -10.47 21.83 -5.62
C ASN B 39 -10.38 22.75 -6.83
N MET B 40 -9.17 23.02 -7.26
CA MET B 40 -8.92 23.82 -8.44
C MET B 40 -9.81 23.39 -9.59
N GLY B 41 -10.47 24.35 -10.23
CA GLY B 41 -11.31 24.02 -11.39
C GLY B 41 -12.74 23.62 -11.07
N ASP B 42 -13.04 23.37 -9.80
CA ASP B 42 -14.37 22.91 -9.45
C ASP B 42 -15.48 23.87 -9.82
N ASN B 43 -16.67 23.29 -9.99
CA ASN B 43 -17.91 24.04 -10.12
C ASN B 43 -18.58 24.19 -8.75
N PHE B 44 -18.58 25.41 -8.24
CA PHE B 44 -19.31 25.72 -7.03
C PHE B 44 -20.74 26.03 -7.35
N GLN B 45 -21.64 25.38 -6.62
CA GLN B 45 -23.06 25.66 -6.74
C GLN B 45 -23.51 25.94 -5.32
N LEU B 46 -23.41 27.20 -4.96
CA LEU B 46 -23.67 27.63 -3.59
C LEU B 46 -24.99 28.35 -3.52
N ASN B 47 -25.96 27.67 -2.92
CA ASN B 47 -27.32 28.14 -2.88
C ASN B 47 -27.55 28.95 -1.61
N LEU B 48 -27.69 30.26 -1.78
CA LEU B 48 -27.86 31.16 -0.67
C LEU B 48 -29.34 31.18 -0.30
N VAL B 49 -29.66 30.72 0.91
CA VAL B 49 -31.04 30.63 1.39
C VAL B 49 -31.21 31.69 2.47
N ASN B 50 -31.90 32.77 2.14
CA ASN B 50 -31.97 33.94 2.98
C ASN B 50 -33.19 33.86 3.90
N GLN B 51 -32.96 33.76 5.21
CA GLN B 51 -34.04 33.67 6.21
C GLN B 51 -33.93 34.77 7.27
N MET B 52 -33.19 35.84 6.96
CA MET B 52 -33.01 36.93 7.91
C MET B 52 -34.29 37.67 8.26
N THR B 53 -34.38 38.13 9.50
CA THR B 53 -35.57 38.83 10.00
C THR B 53 -35.29 40.22 10.52
N ASN B 54 -34.01 40.48 10.81
CA ASN B 54 -33.65 41.72 11.46
C ASN B 54 -33.41 42.86 10.47
N HIS B 55 -34.35 43.81 10.44
CA HIS B 55 -34.27 44.95 9.55
C HIS B 55 -33.05 45.86 9.79
N THR B 56 -32.61 45.95 11.05
CA THR B 56 -31.51 46.88 11.36
C THR B 56 -30.19 46.36 10.76
N MET B 57 -30.07 45.04 10.68
CA MET B 57 -28.83 44.43 10.13
C MET B 57 -29.00 44.11 8.65
N LEU B 58 -30.19 44.49 8.14
CA LEU B 58 -30.66 44.35 6.74
C LEU B 58 -31.17 42.97 6.45
N LYS B 59 -32.42 42.87 5.99
CA LYS B 59 -32.97 41.54 5.69
C LYS B 59 -32.58 40.95 4.34
N THR B 60 -32.18 41.81 3.41
CA THR B 60 -31.71 41.31 2.12
C THR B 60 -30.18 41.14 2.19
N THR B 61 -29.63 40.45 1.20
CA THR B 61 -28.18 40.23 1.22
C THR B 61 -27.66 39.97 -0.19
N SER B 62 -26.33 40.00 -0.33
CA SER B 62 -25.70 39.62 -1.62
C SER B 62 -24.34 39.08 -1.18
N ILE B 63 -23.85 38.01 -1.80
CA ILE B 63 -22.59 37.39 -1.32
C ILE B 63 -21.48 37.50 -2.34
N HIS B 64 -20.31 37.94 -1.88
CA HIS B 64 -19.10 37.98 -2.71
C HIS B 64 -18.16 36.85 -2.31
N TRP B 65 -17.56 36.20 -3.29
CA TRP B 65 -16.63 35.07 -3.09
C TRP B 65 -15.26 35.68 -3.39
N HIS B 66 -14.56 36.06 -2.32
CA HIS B 66 -13.50 37.04 -2.46
C HIS B 66 -12.25 36.45 -3.09
N GLY B 67 -11.84 37.04 -4.22
CA GLY B 67 -10.63 36.65 -4.93
C GLY B 67 -10.87 35.75 -6.14
N PHE B 68 -12.10 35.26 -6.34
CA PHE B 68 -12.39 34.44 -7.54
C PHE B 68 -12.69 35.29 -8.74
N PHE B 69 -12.09 34.93 -9.87
CA PHE B 69 -12.14 35.79 -11.04
C PHE B 69 -13.55 35.91 -11.66
N GLN B 70 -14.38 34.88 -11.50
CA GLN B 70 -15.77 34.93 -12.01
C GLN B 70 -15.82 35.21 -13.50
N LYS B 71 -14.83 34.69 -14.23
CA LYS B 71 -14.77 34.99 -15.69
C LYS B 71 -15.91 34.25 -16.37
N GLY B 72 -16.75 35.03 -17.05
CA GLY B 72 -17.97 34.48 -17.66
C GLY B 72 -19.14 34.39 -16.71
N THR B 73 -18.92 34.70 -15.42
CA THR B 73 -20.00 34.64 -14.43
C THR B 73 -19.97 35.91 -13.56
N ASN B 74 -19.88 37.06 -14.20
CA ASN B 74 -19.81 38.34 -13.52
C ASN B 74 -21.05 38.56 -12.63
N TRP B 75 -22.18 37.98 -13.04
CA TRP B 75 -23.44 38.13 -12.32
C TRP B 75 -23.41 37.47 -10.94
N ALA B 76 -22.41 36.60 -10.73
CA ALA B 76 -22.28 35.85 -9.46
C ALA B 76 -21.29 36.53 -8.50
N ASP B 77 -20.72 37.67 -8.90
CA ASP B 77 -19.61 38.22 -8.11
C ASP B 77 -20.04 38.78 -6.76
N GLY B 78 -21.24 39.35 -6.66
CA GLY B 78 -21.74 39.74 -5.33
C GLY B 78 -22.00 41.19 -5.01
N PRO B 79 -21.14 42.16 -5.38
CA PRO B 79 -21.42 43.53 -4.98
C PRO B 79 -22.81 44.09 -5.33
N ALA B 80 -23.52 44.51 -4.30
CA ALA B 80 -24.91 44.98 -4.49
C ALA B 80 -24.87 46.22 -5.33
N PHE B 81 -25.74 46.22 -6.38
CA PHE B 81 -25.90 47.34 -7.31
C PHE B 81 -24.75 47.50 -8.26
N ILE B 82 -23.79 46.56 -8.17
CA ILE B 82 -22.79 46.44 -9.23
C ILE B 82 -23.10 45.22 -10.03
N ASN B 83 -23.19 44.06 -9.38
CA ASN B 83 -23.33 42.79 -10.10
C ASN B 83 -24.67 42.12 -9.95
N GLN B 84 -25.45 42.59 -8.95
CA GLN B 84 -26.83 42.12 -8.75
C GLN B 84 -27.58 43.05 -7.81
N CYS B 85 -28.90 42.88 -7.78
CA CYS B 85 -29.71 43.40 -6.69
C CYS B 85 -29.71 42.37 -5.55
N PRO B 86 -29.91 42.86 -4.32
CA PRO B 86 -29.91 41.97 -3.17
C PRO B 86 -31.01 40.92 -3.22
N ILE B 87 -30.75 39.82 -2.55
CA ILE B 87 -31.63 38.67 -2.45
C ILE B 87 -32.60 38.94 -1.29
N ALA B 88 -33.91 38.76 -1.52
CA ALA B 88 -34.92 39.02 -0.49
C ALA B 88 -34.97 37.95 0.57
N SER B 89 -35.33 38.35 1.79
CA SER B 89 -35.57 37.32 2.80
C SER B 89 -36.77 36.44 2.41
N GLY B 90 -36.65 35.15 2.65
CA GLY B 90 -37.65 34.20 2.20
C GLY B 90 -37.38 33.62 0.82
N ASN B 91 -36.37 34.16 0.13
CA ASN B 91 -35.93 33.65 -1.17
C ASN B 91 -34.54 33.00 -1.09
N SER B 92 -34.22 32.21 -2.10
CA SER B 92 -32.91 31.65 -2.32
C SER B 92 -32.34 32.20 -3.64
N PHE B 93 -31.03 32.14 -3.76
CA PHE B 93 -30.39 32.49 -5.03
C PHE B 93 -29.16 31.63 -5.20
N LEU B 94 -29.06 30.95 -6.33
CA LEU B 94 -27.96 30.03 -6.60
C LEU B 94 -26.78 30.74 -7.26
N TYR B 95 -25.65 30.80 -6.56
CA TYR B 95 -24.41 31.25 -7.16
C TYR B 95 -23.73 30.03 -7.80
N ASP B 96 -23.50 30.07 -9.12
CA ASP B 96 -23.08 28.88 -9.84
C ASP B 96 -21.90 29.30 -10.69
N PHE B 97 -20.69 28.95 -10.25
CA PHE B 97 -19.49 29.41 -10.93
C PHE B 97 -18.43 28.36 -10.89
N GLN B 98 -17.35 28.63 -11.61
CA GLN B 98 -16.21 27.73 -11.63
C GLN B 98 -14.95 28.48 -11.21
N VAL B 99 -13.93 27.75 -10.75
CA VAL B 99 -12.65 28.37 -10.32
C VAL B 99 -11.45 27.82 -11.13
N PRO B 100 -11.49 27.95 -12.45
CA PRO B 100 -10.35 27.49 -13.22
C PRO B 100 -9.09 28.24 -12.87
N GLY B 101 -7.97 27.51 -12.77
CA GLY B 101 -6.67 28.15 -12.65
C GLY B 101 -6.41 28.75 -11.27
N GLN B 102 -7.34 28.55 -10.33
CA GLN B 102 -7.17 29.12 -8.97
C GLN B 102 -7.15 28.03 -7.91
N ALA B 103 -6.25 28.19 -6.95
CA ALA B 103 -6.21 27.34 -5.77
C ALA B 103 -5.39 28.13 -4.77
N GLY B 104 -5.90 28.17 -3.55
CA GLY B 104 -5.28 29.01 -2.53
C GLY B 104 -6.31 29.33 -1.47
N THR B 105 -6.05 30.42 -0.75
CA THR B 105 -6.83 30.75 0.43
C THR B 105 -7.64 32.02 0.14
N PHE B 106 -8.95 31.88 0.34
CA PHE B 106 -9.94 32.90 -0.01
C PHE B 106 -10.96 33.06 1.12
N TRP B 107 -12.01 33.84 0.89
CA TRP B 107 -13.06 33.93 1.88
C TRP B 107 -14.32 34.43 1.20
N TYR B 108 -15.42 34.51 1.94
CA TYR B 108 -16.66 34.97 1.32
C TYR B 108 -17.41 35.85 2.33
N HIS B 109 -18.19 36.82 1.84
CA HIS B 109 -18.80 37.75 2.77
C HIS B 109 -19.95 38.49 2.14
N SER B 110 -20.88 38.97 2.96
CA SER B 110 -21.86 39.89 2.36
C SER B 110 -21.19 41.03 1.64
N HIS B 111 -21.75 41.47 0.51
CA HIS B 111 -21.27 42.65 -0.17
C HIS B 111 -22.42 43.66 -0.35
N LEU B 112 -23.23 43.79 0.68
CA LEU B 112 -24.30 44.78 0.76
C LEU B 112 -24.01 45.69 1.95
N SER B 113 -23.78 46.97 1.72
CA SER B 113 -23.53 47.94 2.81
C SER B 113 -22.44 47.40 3.74
N THR B 114 -22.62 47.63 5.05
CA THR B 114 -21.64 47.14 6.05
C THR B 114 -22.09 45.83 6.69
N GLN B 115 -22.93 45.09 5.99
CA GLN B 115 -23.53 43.90 6.51
C GLN B 115 -22.58 42.75 6.94
N TYR B 116 -21.43 42.60 6.26
CA TYR B 116 -20.58 41.50 6.68
C TYR B 116 -20.05 41.72 8.10
N CYS B 117 -19.98 42.98 8.53
CA CYS B 117 -19.47 43.23 9.89
C CYS B 117 -20.40 42.58 10.92
N ASP B 118 -21.70 42.59 10.63
CA ASP B 118 -22.67 41.99 11.55
C ASP B 118 -22.69 40.48 11.53
N GLY B 119 -21.86 39.85 10.69
CA GLY B 119 -21.61 38.44 10.87
C GLY B 119 -21.40 37.57 9.64
N LEU B 120 -21.83 38.06 8.46
CA LEU B 120 -21.86 37.22 7.26
C LEU B 120 -20.48 37.25 6.58
N ARG B 121 -19.57 36.45 7.13
CA ARG B 121 -18.17 36.38 6.66
C ARG B 121 -17.56 35.08 7.12
N GLY B 122 -16.85 34.40 6.23
CA GLY B 122 -16.15 33.17 6.61
C GLY B 122 -15.10 32.77 5.57
N PRO B 123 -14.33 31.73 5.89
CA PRO B 123 -13.20 31.36 5.00
C PRO B 123 -13.62 30.44 3.85
N PHE B 124 -12.77 30.37 2.81
CA PHE B 124 -13.09 29.59 1.60
C PHE B 124 -11.73 29.12 1.08
N VAL B 125 -11.51 27.80 1.05
CA VAL B 125 -10.22 27.29 0.60
C VAL B 125 -10.41 26.40 -0.60
N VAL B 126 -9.56 26.62 -1.60
CA VAL B 126 -9.54 25.80 -2.82
C VAL B 126 -8.17 25.08 -2.88
N TYR B 127 -8.23 23.75 -2.75
CA TYR B 127 -7.05 22.90 -2.67
C TYR B 127 -6.55 22.57 -4.06
N ASP B 128 -5.25 22.31 -4.16
CA ASP B 128 -4.61 21.88 -5.40
C ASP B 128 -4.12 20.45 -5.19
N PRO B 129 -4.73 19.47 -5.88
CA PRO B 129 -4.25 18.08 -5.68
C PRO B 129 -2.76 17.92 -6.06
N ASN B 130 -2.23 18.86 -6.82
CA ASN B 130 -0.83 18.83 -7.19
C ASN B 130 -0.07 20.06 -6.73
N ASP B 131 -0.43 20.56 -5.56
CA ASP B 131 0.17 21.77 -5.03
C ASP B 131 1.70 21.68 -5.06
N PRO B 132 2.37 22.61 -5.74
CA PRO B 132 3.83 22.54 -5.78
C PRO B 132 4.49 22.73 -4.42
N HIS B 133 3.74 23.24 -3.44
CA HIS B 133 4.30 23.41 -2.10
C HIS B 133 3.99 22.23 -1.16
N ALA B 134 3.32 21.18 -1.65
CA ALA B 134 2.83 20.11 -0.77
C ALA B 134 3.97 19.44 0.03
N ASN B 135 5.18 19.46 -0.53
CA ASN B 135 6.34 18.78 0.12
C ASN B 135 6.83 19.53 1.37
N LEU B 136 6.35 20.76 1.55
CA LEU B 136 6.79 21.60 2.66
C LEU B 136 6.03 21.38 3.95
N TYR B 137 4.97 20.58 3.94
CA TYR B 137 4.16 20.37 5.15
C TYR B 137 3.47 19.02 5.17
N ASP B 138 3.01 18.62 6.35
CA ASP B 138 2.31 17.34 6.55
C ASP B 138 0.80 17.47 6.67
N VAL B 139 0.33 18.60 7.22
CA VAL B 139 -1.09 18.75 7.55
C VAL B 139 -1.60 20.04 6.91
N ASP B 140 -2.73 19.92 6.21
CA ASP B 140 -3.41 21.05 5.60
C ASP B 140 -4.88 20.70 5.53
N ASP B 141 -5.69 21.22 6.45
CA ASP B 141 -7.09 20.84 6.51
C ASP B 141 -7.90 21.89 7.25
N GLU B 142 -9.15 21.58 7.63
CA GLU B 142 -10.01 22.58 8.27
C GLU B 142 -9.37 23.06 9.57
N SER B 143 -8.61 22.19 10.22
CA SER B 143 -8.00 22.57 11.50
C SER B 143 -6.81 23.49 11.34
N THR B 144 -6.34 23.71 10.11
CA THR B 144 -5.21 24.61 9.92
C THR B 144 -5.64 25.95 9.29
N VAL B 145 -6.94 26.18 9.19
CA VAL B 145 -7.41 27.52 8.79
C VAL B 145 -7.49 28.37 10.06
N ILE B 146 -6.96 29.59 9.99
CA ILE B 146 -7.01 30.51 11.14
C ILE B 146 -7.68 31.79 10.65
N THR B 147 -8.90 32.07 11.13
CA THR B 147 -9.54 33.32 10.77
C THR B 147 -9.33 34.34 11.84
N LEU B 148 -9.18 35.57 11.42
CA LEU B 148 -9.10 36.76 12.28
C LEU B 148 -10.32 37.64 12.00
N ALA B 149 -11.07 37.96 13.04
CA ALA B 149 -12.26 38.79 12.88
C ALA B 149 -12.34 39.86 13.95
N ASP B 150 -12.51 41.09 13.53
CA ASP B 150 -12.86 42.17 14.44
C ASP B 150 -14.32 42.05 14.82
N TRP B 151 -14.61 42.23 16.12
CA TRP B 151 -15.97 42.00 16.58
C TRP B 151 -16.42 43.20 17.41
N TYR B 152 -17.64 43.67 17.12
CA TYR B 152 -18.20 44.88 17.74
C TYR B 152 -19.41 44.52 18.58
N HIS B 153 -19.49 45.16 19.75
CA HIS B 153 -20.61 44.88 20.60
C HIS B 153 -21.86 45.61 20.15
N VAL B 154 -21.67 46.68 19.37
CA VAL B 154 -22.79 47.45 18.79
C VAL B 154 -22.81 47.22 17.28
N ALA B 155 -24.01 46.97 16.74
CA ALA B 155 -24.18 46.62 15.30
C ALA B 155 -23.70 47.70 14.36
N ALA B 156 -23.35 47.28 13.12
CA ALA B 156 -22.78 48.21 12.17
C ALA B 156 -23.63 49.48 11.94
N LYS B 157 -24.95 49.34 11.94
CA LYS B 157 -25.81 50.47 11.61
C LYS B 157 -26.21 51.25 12.86
N LEU B 158 -25.75 50.81 14.02
CA LEU B 158 -26.16 51.45 15.28
C LEU B 158 -25.01 52.15 15.97
N GLY B 159 -23.78 51.75 15.66
CA GLY B 159 -22.60 52.46 16.23
C GLY B 159 -22.16 53.65 15.39
N PRO B 160 -20.94 54.16 15.65
CA PRO B 160 -20.43 55.30 14.88
C PRO B 160 -20.34 54.92 13.40
N ARG B 161 -20.45 55.93 12.55
CA ARG B 161 -20.22 55.75 11.12
C ARG B 161 -18.81 55.17 10.90
N PHE B 162 -17.85 55.67 11.68
CA PHE B 162 -16.46 55.23 11.62
C PHE B 162 -16.02 54.82 13.03
N PRO B 163 -16.23 53.55 13.41
CA PRO B 163 -15.83 53.10 14.75
C PRO B 163 -14.37 53.37 15.04
N LYS B 164 -14.08 53.69 16.29
CA LYS B 164 -12.75 54.02 16.75
C LYS B 164 -11.99 52.74 17.08
N GLY B 165 -12.63 51.60 16.84
CA GLY B 165 -11.98 50.28 16.87
C GLY B 165 -13.02 49.24 17.23
N ALA B 166 -12.62 47.98 17.30
CA ALA B 166 -13.51 46.91 17.66
C ALA B 166 -13.45 46.61 19.17
N ASP B 167 -14.37 45.79 19.64
CA ASP B 167 -14.38 45.38 21.07
C ASP B 167 -13.56 44.14 21.35
N SER B 168 -13.37 43.28 20.36
CA SER B 168 -12.54 42.08 20.55
C SER B 168 -12.00 41.66 19.22
N THR B 169 -10.94 40.88 19.26
CA THR B 169 -10.46 40.13 18.10
C THR B 169 -10.80 38.70 18.32
N LEU B 170 -11.43 38.10 17.31
CA LEU B 170 -11.78 36.70 17.37
C LEU B 170 -10.85 35.90 16.48
N ILE B 171 -10.27 34.86 17.04
CA ILE B 171 -9.39 33.96 16.31
C ILE B 171 -10.13 32.65 16.23
N ASN B 172 -10.38 32.17 15.02
CA ASN B 172 -11.28 31.01 14.90
C ASN B 172 -12.55 31.19 15.74
N GLY B 173 -13.08 32.40 15.70
CA GLY B 173 -14.41 32.67 16.29
C GLY B 173 -14.44 32.93 17.80
N LEU B 174 -13.28 32.95 18.45
CA LEU B 174 -13.23 33.10 19.90
C LEU B 174 -12.20 34.13 20.30
N GLY B 175 -12.49 34.84 21.36
CA GLY B 175 -11.51 35.77 21.91
C GLY B 175 -12.10 36.51 23.08
N ARG B 176 -11.30 37.42 23.67
CA ARG B 176 -11.72 38.19 24.84
C ARG B 176 -11.88 39.66 24.56
N SER B 177 -12.81 40.32 25.24
CA SER B 177 -12.88 41.78 25.24
C SER B 177 -12.37 42.28 26.60
N THR B 178 -12.19 43.58 26.76
CA THR B 178 -11.72 44.07 28.09
C THR B 178 -12.74 43.75 29.18
N SER B 179 -14.00 43.57 28.81
CA SER B 179 -15.04 43.22 29.80
C SER B 179 -15.27 41.73 29.98
N THR B 180 -14.58 40.90 29.20
CA THR B 180 -14.72 39.45 29.30
C THR B 180 -13.34 38.78 29.36
N PRO B 181 -12.53 39.12 30.40
CA PRO B 181 -11.18 38.62 30.53
C PRO B 181 -11.06 37.10 30.74
N THR B 182 -12.16 36.42 31.01
CA THR B 182 -12.09 34.96 31.18
C THR B 182 -12.86 34.18 30.10
N ALA B 183 -13.29 34.87 29.04
CA ALA B 183 -13.95 34.17 27.93
C ALA B 183 -13.05 33.11 27.32
N ASP B 184 -13.67 32.06 26.78
CA ASP B 184 -12.90 30.98 26.17
C ASP B 184 -12.06 31.51 24.99
N LEU B 185 -10.81 31.04 24.94
CA LEU B 185 -9.89 31.31 23.84
C LEU B 185 -9.88 30.14 22.89
N ALA B 186 -9.58 30.41 21.61
CA ALA B 186 -9.38 29.36 20.63
C ALA B 186 -8.10 28.58 20.90
N VAL B 187 -8.14 27.29 20.59
CA VAL B 187 -6.98 26.44 20.72
C VAL B 187 -6.69 25.85 19.37
N ILE B 188 -5.44 25.93 18.95
CA ILE B 188 -4.97 25.33 17.71
C ILE B 188 -3.99 24.25 18.13
N SER B 189 -4.31 23.00 17.78
CA SER B 189 -3.50 21.86 18.15
C SER B 189 -2.44 21.51 17.13
N VAL B 190 -1.24 21.20 17.63
CA VAL B 190 -0.18 20.71 16.76
C VAL B 190 0.52 19.55 17.47
N THR B 191 1.13 18.68 16.67
CA THR B 191 1.93 17.57 17.18
C THR B 191 3.40 17.88 16.94
N LYS B 192 4.22 17.72 17.99
CA LYS B 192 5.64 18.02 17.85
C LYS B 192 6.24 17.24 16.69
N GLY B 193 7.02 17.94 15.87
CA GLY B 193 7.69 17.33 14.75
C GLY B 193 6.93 17.39 13.44
N LYS B 194 5.65 17.75 13.48
CA LYS B 194 4.88 17.87 12.23
C LYS B 194 4.92 19.31 11.72
N ARG B 195 4.66 19.45 10.42
CA ARG B 195 4.67 20.75 9.72
C ARG B 195 3.25 21.01 9.21
N TYR B 196 2.78 22.24 9.42
CA TYR B 196 1.39 22.62 9.14
C TYR B 196 1.33 23.75 8.14
N ARG B 197 0.41 23.62 7.17
CA ARG B 197 0.10 24.77 6.31
C ARG B 197 -1.04 25.50 6.98
N PHE B 198 -0.71 26.54 7.75
CA PHE B 198 -1.75 27.38 8.31
C PHE B 198 -2.19 28.41 7.29
N ARG B 199 -3.52 28.52 7.16
CA ARG B 199 -4.09 29.42 6.15
C ARG B 199 -4.75 30.53 6.93
N LEU B 200 -4.08 31.68 6.94
CA LEU B 200 -4.47 32.83 7.77
C LEU B 200 -5.37 33.73 6.93
N VAL B 201 -6.57 33.97 7.44
CA VAL B 201 -7.60 34.68 6.65
C VAL B 201 -8.06 35.88 7.42
N SER B 202 -7.85 37.09 6.91
CA SER B 202 -8.46 38.27 7.54
C SER B 202 -9.91 38.43 7.09
N LEU B 203 -10.84 38.28 8.04
CA LEU B 203 -12.24 38.61 7.83
C LEU B 203 -12.57 40.01 8.28
N SER B 204 -11.57 40.88 8.38
CA SER B 204 -11.72 42.13 9.07
C SER B 204 -12.64 43.10 8.34
N CYS B 205 -13.46 43.82 9.11
CA CYS B 205 -14.19 44.97 8.60
C CYS B 205 -13.35 46.21 8.53
N ASP B 206 -12.21 46.22 9.22
CA ASP B 206 -11.47 47.45 9.30
C ASP B 206 -10.00 47.26 9.70
N PRO B 207 -9.72 46.89 10.97
CA PRO B 207 -8.30 46.91 11.35
C PRO B 207 -7.43 45.91 10.62
N ASN B 208 -6.13 46.25 10.55
CA ASN B 208 -5.11 45.28 10.16
C ASN B 208 -4.57 44.62 11.41
N TYR B 209 -4.06 43.40 11.27
CA TYR B 209 -3.53 42.67 12.44
C TYR B 209 -2.07 42.37 12.26
N THR B 210 -1.32 42.49 13.36
CA THR B 210 0.06 42.04 13.35
C THR B 210 0.05 40.70 14.06
N PHE B 211 0.33 39.65 13.29
CA PHE B 211 0.14 38.26 13.70
C PHE B 211 1.47 37.57 13.96
N SER B 212 1.55 36.89 15.11
CA SER B 212 2.78 36.16 15.42
C SER B 212 2.45 34.99 16.35
N ILE B 213 3.39 34.05 16.47
CA ILE B 213 3.19 32.91 17.35
C ILE B 213 4.45 32.74 18.17
N ASP B 214 4.32 32.86 19.50
CA ASP B 214 5.51 32.88 20.36
C ASP B 214 6.39 31.66 20.07
N SER B 215 7.69 31.94 19.92
CA SER B 215 8.75 30.93 19.79
C SER B 215 8.69 30.14 18.50
N HIS B 216 7.84 30.56 17.56
CA HIS B 216 7.76 29.85 16.29
C HIS B 216 8.03 30.81 15.14
N GLN B 217 8.61 30.27 14.09
CA GLN B 217 8.74 31.07 12.89
C GLN B 217 7.71 30.64 11.88
N LEU B 218 7.44 31.55 10.93
CA LEU B 218 6.33 31.40 9.97
C LEU B 218 6.92 31.47 8.59
N THR B 219 6.77 30.40 7.79
CA THR B 219 7.36 30.45 6.44
C THR B 219 6.24 30.69 5.44
N VAL B 220 6.15 31.94 4.99
CA VAL B 220 5.04 32.36 4.11
C VAL B 220 5.23 31.77 2.73
N ILE B 221 4.17 31.14 2.24
CA ILE B 221 4.20 30.41 0.94
C ILE B 221 3.05 30.78 0.00
N GLU B 222 2.16 31.66 0.43
CA GLU B 222 1.02 32.05 -0.42
C GLU B 222 0.54 33.39 0.07
N ALA B 223 0.13 34.26 -0.83
CA ALA B 223 -0.50 35.57 -0.47
C ALA B 223 -1.70 35.75 -1.36
N ASP B 224 -2.88 35.98 -0.75
CA ASP B 224 -4.13 36.25 -1.50
C ASP B 224 -4.37 35.27 -2.67
N GLY B 225 -4.18 34.00 -2.39
CA GLY B 225 -4.51 32.93 -3.34
C GLY B 225 -3.37 32.54 -4.26
N VAL B 226 -2.30 33.34 -4.31
CA VAL B 226 -1.21 33.12 -5.26
C VAL B 226 0.02 32.59 -4.51
N SER B 227 0.53 31.44 -4.95
CA SER B 227 1.69 30.84 -4.29
C SER B 227 2.92 31.72 -4.46
N THR B 228 3.75 31.81 -3.40
CA THR B 228 4.95 32.63 -3.40
C THR B 228 6.17 31.77 -3.11
N GLN B 229 7.33 32.34 -3.41
CA GLN B 229 8.60 31.74 -2.95
C GLN B 229 8.60 31.84 -1.41
N PRO B 230 9.03 30.75 -0.73
CA PRO B 230 9.03 30.74 0.73
C PRO B 230 9.86 31.88 1.36
N VAL B 231 9.29 32.54 2.37
CA VAL B 231 10.04 33.52 3.17
C VAL B 231 9.71 33.29 4.62
N THR B 232 10.76 33.13 5.42
CA THR B 232 10.60 32.83 6.84
C THR B 232 10.68 34.11 7.66
N VAL B 233 9.64 34.34 8.48
CA VAL B 233 9.51 35.58 9.24
C VAL B 233 9.04 35.26 10.66
N ASP B 234 9.05 36.27 11.52
CA ASP B 234 8.50 36.12 12.85
C ASP B 234 7.08 36.69 12.95
N SER B 235 6.74 37.67 12.12
CA SER B 235 5.39 38.23 12.22
C SER B 235 4.93 38.65 10.84
N ILE B 236 3.61 38.77 10.72
CA ILE B 236 2.97 39.17 9.47
C ILE B 236 1.96 40.25 9.79
N GLN B 237 1.96 41.35 9.02
CA GLN B 237 0.90 42.34 9.17
C GLN B 237 -0.09 42.08 8.05
N ILE B 238 -1.32 41.72 8.43
CA ILE B 238 -2.31 41.30 7.43
C ILE B 238 -3.46 42.30 7.45
N PHE B 239 -3.70 42.90 6.28
CA PHE B 239 -4.71 43.95 6.16
C PHE B 239 -6.05 43.33 5.91
N ALA B 240 -7.11 44.16 6.07
CA ALA B 240 -8.46 43.64 5.88
C ALA B 240 -8.56 42.89 4.54
N ALA B 241 -9.07 41.67 4.60
CA ALA B 241 -9.40 40.85 3.43
C ALA B 241 -8.23 40.18 2.78
N GLN B 242 -7.00 40.43 3.28
CA GLN B 242 -5.84 39.62 2.80
C GLN B 242 -5.84 38.19 3.35
N ARG B 243 -5.04 37.34 2.70
CA ARG B 243 -4.83 35.97 3.17
C ARG B 243 -3.39 35.61 2.97
N TYR B 244 -2.86 34.81 3.90
CA TYR B 244 -1.52 34.22 3.73
C TYR B 244 -1.59 32.75 4.09
N SER B 245 -0.81 31.92 3.39
CA SER B 245 -0.43 30.63 4.02
C SER B 245 0.97 30.73 4.57
N PHE B 246 1.17 30.14 5.75
CA PHE B 246 2.53 29.96 6.25
C PHE B 246 2.69 28.55 6.78
N VAL B 247 3.89 28.02 6.60
CA VAL B 247 4.22 26.72 7.18
C VAL B 247 4.77 27.00 8.60
N LEU B 248 4.23 26.24 9.55
CA LEU B 248 4.76 26.23 10.91
C LEU B 248 5.30 24.83 11.17
N ASN B 249 6.56 24.79 11.59
CA ASN B 249 7.20 23.55 12.04
C ASN B 249 7.06 23.50 13.58
N ALA B 250 6.31 22.53 14.08
CA ALA B 250 6.08 22.41 15.53
C ALA B 250 7.37 21.83 16.10
N ASN B 251 8.40 22.67 16.14
CA ASN B 251 9.75 22.22 16.52
C ASN B 251 10.20 22.69 17.88
N GLN B 252 9.27 23.18 18.68
CA GLN B 252 9.62 23.70 20.00
C GLN B 252 9.29 22.67 21.06
N ASP B 253 9.55 23.02 22.33
CA ASP B 253 9.22 22.09 23.41
C ASP B 253 7.72 21.88 23.50
N VAL B 254 7.27 20.71 23.92
CA VAL B 254 5.86 20.46 24.11
C VAL B 254 5.35 21.44 25.16
N ASP B 255 4.40 22.30 24.80
CA ASP B 255 3.98 23.38 25.70
C ASP B 255 2.83 24.10 25.03
N ASN B 256 2.39 25.15 25.71
CA ASN B 256 1.40 26.11 25.17
C ASN B 256 2.11 27.40 24.82
N TYR B 257 1.77 27.94 23.64
CA TYR B 257 2.39 29.18 23.14
C TYR B 257 1.31 30.17 22.72
N TRP B 258 1.47 31.46 23.03
CA TRP B 258 0.48 32.42 22.58
C TRP B 258 0.54 32.61 21.07
N ILE B 259 -0.65 32.60 20.48
CA ILE B 259 -0.90 33.12 19.14
C ILE B 259 -1.46 34.53 19.32
N ARG B 260 -0.84 35.50 18.65
CA ARG B 260 -1.11 36.92 18.88
C ARG B 260 -1.55 37.58 17.60
N ALA B 261 -2.61 38.39 17.70
CA ALA B 261 -3.09 39.15 16.53
C ALA B 261 -3.50 40.52 17.02
N ASN B 262 -2.56 41.46 16.92
CA ASN B 262 -2.74 42.80 17.48
C ASN B 262 -3.30 43.76 16.40
N PRO B 263 -4.48 44.33 16.66
CA PRO B 263 -5.03 45.28 15.68
C PRO B 263 -4.31 46.61 15.74
N ASN B 264 -4.41 47.41 14.66
CA ASN B 264 -3.74 48.71 14.64
C ASN B 264 -4.37 49.77 15.56
N PHE B 265 -5.61 49.52 15.94
CA PHE B 265 -6.32 50.40 16.86
C PHE B 265 -7.49 49.63 17.48
N GLY B 266 -8.18 50.24 18.45
CA GLY B 266 -9.24 49.55 19.15
C GLY B 266 -8.73 49.11 20.51
N THR B 267 -9.04 47.87 20.90
CA THR B 267 -8.46 47.28 22.10
C THR B 267 -7.22 46.57 21.59
N THR B 268 -6.08 47.12 21.95
CA THR B 268 -4.79 46.61 21.47
C THR B 268 -4.05 45.96 22.61
N GLY B 269 -2.91 45.36 22.30
CA GLY B 269 -2.13 44.69 23.34
C GLY B 269 -2.72 43.35 23.69
N PHE B 270 -2.23 42.78 24.80
CA PHE B 270 -2.53 41.38 25.12
C PHE B 270 -2.89 41.17 26.60
N ALA B 271 -3.22 42.27 27.30
CA ALA B 271 -3.53 42.13 28.75
C ALA B 271 -4.72 41.20 28.88
N ASP B 272 -4.64 40.28 29.84
CA ASP B 272 -5.71 39.34 30.12
C ASP B 272 -6.03 38.43 28.95
N GLY B 273 -5.14 38.40 27.97
CA GLY B 273 -5.31 37.43 26.89
C GLY B 273 -6.21 37.97 25.78
N VAL B 274 -6.48 39.28 25.74
CA VAL B 274 -7.14 39.83 24.55
C VAL B 274 -6.21 39.65 23.37
N ASN B 275 -6.81 39.62 22.17
CA ASN B 275 -6.03 39.59 20.92
C ASN B 275 -5.15 38.34 20.86
N SER B 276 -5.60 37.25 21.51
CA SER B 276 -4.78 36.08 21.65
C SER B 276 -5.52 34.78 21.46
N ALA B 277 -4.77 33.75 21.09
CA ALA B 277 -5.29 32.37 21.11
C ALA B 277 -4.13 31.49 21.58
N ILE B 278 -4.36 30.17 21.59
CA ILE B 278 -3.40 29.24 22.17
C ILE B 278 -2.95 28.22 21.14
N LEU B 279 -1.64 28.12 20.94
CA LEU B 279 -1.06 27.01 20.16
C LEU B 279 -0.72 25.94 21.22
N ARG B 280 -1.43 24.82 21.16
CA ARG B 280 -1.27 23.76 22.19
C ARG B 280 -0.65 22.53 21.56
N TYR B 281 0.57 22.14 21.97
CA TYR B 281 1.14 20.87 21.54
C TYR B 281 0.40 19.71 22.15
N ASP B 282 0.23 18.64 21.37
CA ASP B 282 -0.25 17.38 21.92
C ASP B 282 0.64 17.03 23.11
N ASP B 283 0.01 16.53 24.16
CA ASP B 283 0.67 16.15 25.42
C ASP B 283 0.94 17.33 26.35
N ALA B 284 0.76 18.57 25.88
CA ALA B 284 0.89 19.69 26.80
C ALA B 284 -0.30 19.73 27.75
N ASP B 285 -0.12 20.29 28.94
CA ASP B 285 -1.23 20.45 29.87
C ASP B 285 -2.23 21.43 29.29
N PRO B 286 -3.55 21.22 29.50
CA PRO B 286 -4.55 22.15 29.01
C PRO B 286 -4.64 23.42 29.83
N VAL B 287 -3.61 24.26 29.70
CA VAL B 287 -3.49 25.50 30.46
C VAL B 287 -3.12 26.65 29.49
N GLU B 288 -3.24 27.90 29.97
CA GLU B 288 -2.81 29.06 29.18
C GLU B 288 -1.31 29.12 29.00
N PRO B 289 -0.86 29.66 27.86
CA PRO B 289 0.58 29.90 27.70
C PRO B 289 1.09 30.94 28.70
N VAL B 290 2.41 30.90 28.93
CA VAL B 290 3.08 31.93 29.76
C VAL B 290 4.31 32.42 29.00
N THR B 291 4.18 32.46 27.66
CA THR B 291 5.34 32.70 26.80
C THR B 291 5.42 34.18 26.45
N ASN B 292 6.52 34.57 25.83
CA ASN B 292 6.65 35.93 25.32
C ASN B 292 6.95 35.95 23.82
N GLN B 293 6.85 37.16 23.24
CA GLN B 293 7.10 37.33 21.80
C GLN B 293 8.55 37.21 21.50
N THR B 294 8.86 36.62 20.34
CA THR B 294 10.21 36.40 19.90
C THR B 294 10.38 36.90 18.46
N GLY B 295 11.54 37.50 18.17
CA GLY B 295 11.93 37.77 16.78
C GLY B 295 11.46 39.14 16.30
N THR B 296 12.21 39.71 15.38
CA THR B 296 11.93 41.04 14.89
C THR B 296 11.72 41.08 13.38
N THR B 297 11.64 39.91 12.74
CA THR B 297 11.46 39.92 11.27
C THR B 297 9.97 39.97 10.91
N LEU B 298 9.52 41.18 10.57
CA LEU B 298 8.14 41.39 10.09
C LEU B 298 8.17 41.25 8.57
N LEU B 299 7.28 40.43 8.05
CA LEU B 299 7.20 40.25 6.58
C LEU B 299 7.06 41.60 5.87
N LEU B 300 7.87 41.78 4.81
CA LEU B 300 7.73 42.92 3.91
C LEU B 300 7.07 42.45 2.62
N GLU B 301 6.10 43.21 2.14
CA GLU B 301 5.45 42.85 0.88
C GLU B 301 6.42 42.75 -0.31
N THR B 302 7.48 43.56 -0.25
CA THR B 302 8.52 43.51 -1.28
C THR B 302 9.34 42.24 -1.21
N ASP B 303 9.17 41.45 -0.16
CA ASP B 303 9.82 40.15 -0.15
C ASP B 303 8.99 38.99 -0.64
N LEU B 304 7.75 39.31 -1.05
CA LEU B 304 6.86 38.30 -1.63
C LEU B 304 7.03 38.29 -3.14
N HIS B 305 7.26 37.09 -3.67
CA HIS B 305 7.46 36.94 -5.12
C HIS B 305 6.76 35.68 -5.53
N PRO B 306 6.15 35.71 -6.72
CA PRO B 306 5.44 34.54 -7.13
C PRO B 306 6.30 33.29 -7.27
N LEU B 307 5.73 32.14 -6.97
CA LEU B 307 6.44 30.88 -7.07
C LEU B 307 6.72 30.58 -8.52
N THR B 308 5.76 30.88 -9.38
CA THR B 308 5.95 30.64 -10.84
C THR B 308 6.09 32.01 -11.50
N SER B 309 6.87 32.10 -12.58
CA SER B 309 7.13 33.41 -13.19
C SER B 309 5.82 34.06 -13.68
N MET B 310 5.61 35.31 -13.27
CA MET B 310 4.38 36.07 -13.61
C MET B 310 4.79 37.45 -14.07
N PRO B 311 5.15 37.58 -15.37
CA PRO B 311 5.65 38.84 -15.85
C PRO B 311 4.68 40.02 -15.67
N VAL B 312 5.23 41.22 -15.54
CA VAL B 312 4.46 42.42 -15.29
C VAL B 312 4.04 43.04 -16.62
N PRO B 313 2.72 43.19 -16.83
CA PRO B 313 2.23 43.75 -18.11
C PRO B 313 2.66 45.18 -18.28
N GLY B 314 2.91 45.58 -19.53
CA GLY B 314 3.29 46.96 -19.86
C GLY B 314 4.78 47.29 -19.78
N ASN B 315 5.14 48.55 -20.04
CA ASN B 315 6.56 48.92 -20.00
C ASN B 315 7.07 49.12 -18.58
N PRO B 316 8.36 48.78 -18.33
CA PRO B 316 8.91 48.92 -16.98
C PRO B 316 9.30 50.35 -16.62
N THR B 317 8.31 51.22 -16.59
CA THR B 317 8.48 52.62 -16.23
C THR B 317 7.16 53.14 -15.67
N GLN B 318 7.23 54.21 -14.89
CA GLN B 318 6.03 54.86 -14.37
C GLN B 318 5.18 55.30 -15.55
N GLY B 319 3.88 55.03 -15.50
CA GLY B 319 3.00 55.41 -16.60
C GLY B 319 3.21 54.55 -17.83
N GLY B 320 3.86 53.39 -17.65
CA GLY B 320 4.22 52.54 -18.77
C GLY B 320 3.17 51.60 -19.34
N ALA B 321 1.94 51.66 -18.84
CA ALA B 321 0.92 50.73 -19.30
C ALA B 321 0.16 51.31 -20.50
N ASP B 322 -0.66 50.48 -21.15
CA ASP B 322 -1.61 50.96 -22.18
C ASP B 322 -2.54 52.04 -21.65
N LEU B 323 -3.07 51.82 -20.45
CA LEU B 323 -3.93 52.82 -19.80
C LEU B 323 -3.42 53.00 -18.38
N ASN B 324 -3.22 54.26 -18.00
CA ASN B 324 -2.66 54.61 -16.71
C ASN B 324 -3.63 55.50 -15.97
N LEU B 325 -4.10 55.02 -14.82
CA LEU B 325 -5.13 55.70 -14.06
C LEU B 325 -4.60 56.06 -12.68
N ASN B 326 -4.90 57.27 -12.24
CA ASN B 326 -4.55 57.68 -10.88
C ASN B 326 -5.83 57.83 -10.08
N MET B 327 -5.81 57.33 -8.85
CA MET B 327 -6.97 57.40 -8.00
C MET B 327 -6.64 58.43 -6.90
N ALA B 328 -7.21 59.63 -7.03
CA ALA B 328 -6.94 60.71 -6.08
C ALA B 328 -7.98 60.71 -4.98
N PHE B 329 -7.56 60.49 -3.74
CA PHE B 329 -8.53 60.33 -2.66
C PHE B 329 -8.93 61.65 -2.02
N ASN B 330 -10.14 61.71 -1.50
CA ASN B 330 -10.53 62.84 -0.67
C ASN B 330 -11.62 62.45 0.31
N PHE B 331 -11.96 63.39 1.21
CA PHE B 331 -12.92 63.10 2.27
C PHE B 331 -13.44 64.45 2.76
N ASP B 332 -14.73 64.50 3.06
CA ASP B 332 -15.35 65.75 3.51
C ASP B 332 -15.89 65.70 4.94
N GLY B 333 -15.55 64.65 5.68
CA GLY B 333 -16.06 64.48 7.05
C GLY B 333 -17.14 63.43 7.11
N THR B 334 -17.78 63.17 5.97
CA THR B 334 -18.88 62.20 5.92
C THR B 334 -18.62 61.18 4.82
N ASN B 335 -18.23 61.65 3.65
CA ASN B 335 -18.09 60.81 2.46
C ASN B 335 -16.66 60.79 1.95
N PHE B 336 -16.26 59.64 1.40
CA PHE B 336 -14.99 59.54 0.70
C PHE B 336 -15.19 59.78 -0.79
N PHE B 337 -14.13 60.24 -1.43
CA PHE B 337 -14.17 60.57 -2.86
C PHE B 337 -12.97 59.94 -3.53
N ILE B 338 -13.15 59.52 -4.79
CA ILE B 338 -12.03 59.16 -5.64
C ILE B 338 -12.19 59.99 -6.91
N ASN B 339 -11.16 60.77 -7.24
CA ASN B 339 -11.18 61.67 -8.40
C ASN B 339 -12.41 62.57 -8.39
N GLY B 340 -12.75 63.05 -7.21
CA GLY B 340 -13.78 64.06 -7.07
C GLY B 340 -15.17 63.50 -6.96
N GLU B 341 -15.29 62.17 -6.97
CA GLU B 341 -16.61 61.51 -6.91
C GLU B 341 -16.70 60.54 -5.77
N SER B 342 -17.74 60.69 -4.95
CA SER B 342 -18.03 59.74 -3.89
C SER B 342 -18.96 58.72 -4.49
N PHE B 343 -18.67 57.44 -4.28
CA PHE B 343 -19.52 56.41 -4.85
C PHE B 343 -20.86 56.37 -4.16
N THR B 344 -21.93 56.49 -4.94
CA THR B 344 -23.24 56.13 -4.38
C THR B 344 -23.87 55.12 -5.30
N PRO B 345 -24.40 54.04 -4.72
CA PRO B 345 -24.89 52.96 -5.54
C PRO B 345 -25.98 53.41 -6.49
N PRO B 346 -25.96 52.88 -7.72
CA PRO B 346 -27.05 53.19 -8.65
C PRO B 346 -28.27 52.35 -8.32
N THR B 347 -29.44 52.79 -8.78
CA THR B 347 -30.64 52.00 -8.52
C THR B 347 -30.63 50.71 -9.33
N VAL B 348 -30.12 50.81 -10.56
CA VAL B 348 -29.99 49.64 -11.43
C VAL B 348 -28.56 49.15 -11.40
N PRO B 349 -28.35 47.89 -11.09
CA PRO B 349 -26.97 47.43 -11.00
C PRO B 349 -26.21 47.67 -12.26
N VAL B 350 -24.91 47.95 -12.13
CA VAL B 350 -24.13 48.26 -13.31
C VAL B 350 -24.23 47.16 -14.35
N LEU B 351 -24.16 45.88 -13.95
CA LEU B 351 -24.21 44.80 -14.97
C LEU B 351 -25.56 44.85 -15.70
N LEU B 352 -26.65 45.04 -14.95
CA LEU B 352 -27.98 45.17 -15.59
C LEU B 352 -28.08 46.39 -16.47
N GLN B 353 -27.43 47.48 -16.09
CA GLN B 353 -27.39 48.65 -16.99
C GLN B 353 -26.79 48.30 -18.35
N ILE B 354 -25.68 47.56 -18.33
CA ILE B 354 -25.00 47.18 -19.57
C ILE B 354 -25.87 46.20 -20.37
N ILE B 355 -26.42 45.19 -19.72
CA ILE B 355 -27.31 44.23 -20.39
C ILE B 355 -28.49 44.98 -21.04
N SER B 356 -28.94 46.03 -20.37
CA SER B 356 -30.08 46.83 -20.85
C SER B 356 -29.71 47.87 -21.91
N GLY B 357 -28.44 47.94 -22.30
CA GLY B 357 -28.06 48.74 -23.45
C GLY B 357 -27.07 49.84 -23.20
N ALA B 358 -26.68 50.08 -21.94
CA ALA B 358 -25.74 51.17 -21.72
C ALA B 358 -24.35 50.69 -22.15
N ASN B 359 -23.63 51.50 -22.93
CA ASN B 359 -22.40 50.98 -23.57
C ASN B 359 -21.20 51.89 -23.53
N THR B 360 -21.24 52.90 -22.66
CA THR B 360 -20.06 53.71 -22.40
C THR B 360 -19.98 53.97 -20.92
N ALA B 361 -18.75 54.16 -20.45
CA ALA B 361 -18.49 54.49 -19.07
C ALA B 361 -19.26 55.76 -18.70
N GLN B 362 -19.24 56.77 -19.57
CA GLN B 362 -19.88 58.05 -19.24
C GLN B 362 -21.40 57.92 -19.07
N ASP B 363 -22.01 56.95 -19.75
CA ASP B 363 -23.44 56.72 -19.63
C ASP B 363 -23.80 55.84 -18.44
N LEU B 364 -22.84 55.11 -17.88
CA LEU B 364 -23.14 54.24 -16.75
C LEU B 364 -23.27 55.04 -15.46
N LEU B 365 -24.24 54.66 -14.63
CA LEU B 365 -24.43 55.29 -13.32
C LEU B 365 -23.79 54.41 -12.24
N PRO B 366 -23.16 55.04 -11.23
CA PRO B 366 -23.13 56.50 -11.01
C PRO B 366 -22.12 57.26 -11.84
N SER B 367 -22.53 58.46 -12.25
CA SER B 367 -21.73 59.32 -13.10
C SER B 367 -20.40 59.65 -12.44
N GLY B 368 -19.31 59.52 -13.20
CA GLY B 368 -17.99 59.93 -12.74
C GLY B 368 -17.29 58.85 -11.92
N SER B 369 -17.97 57.76 -11.66
CA SER B 369 -17.37 56.65 -10.87
C SER B 369 -17.08 55.38 -11.66
N VAL B 370 -17.38 55.37 -12.96
CA VAL B 370 -17.13 54.17 -13.79
C VAL B 370 -16.03 54.47 -14.79
N TYR B 371 -15.09 53.54 -14.93
CA TYR B 371 -13.93 53.71 -15.80
C TYR B 371 -13.92 52.59 -16.82
N SER B 372 -13.90 52.95 -18.10
CA SER B 372 -13.85 51.94 -19.13
C SER B 372 -12.42 51.39 -19.22
N LEU B 373 -12.28 50.07 -19.29
CA LEU B 373 -10.96 49.47 -19.55
C LEU B 373 -11.02 48.75 -20.88
N PRO B 374 -10.05 49.04 -21.77
CA PRO B 374 -10.05 48.41 -23.08
C PRO B 374 -9.63 46.95 -23.05
N SER B 375 -10.13 46.17 -24.00
CA SER B 375 -9.79 44.77 -24.14
C SER B 375 -8.27 44.56 -24.35
N ASN B 376 -7.79 43.43 -23.83
CA ASN B 376 -6.40 42.98 -23.91
C ASN B 376 -5.37 44.11 -23.87
N SER B 377 -5.38 44.80 -22.74
CA SER B 377 -4.54 45.96 -22.51
C SER B 377 -3.89 45.87 -21.15
N SER B 378 -2.68 46.40 -21.04
CA SER B 378 -2.09 46.57 -19.71
C SER B 378 -2.67 47.81 -19.05
N ILE B 379 -2.96 47.69 -17.74
CA ILE B 379 -3.48 48.80 -16.94
C ILE B 379 -2.55 49.06 -15.77
N GLU B 380 -2.22 50.33 -15.53
CA GLU B 380 -1.55 50.79 -14.30
C GLU B 380 -2.50 51.64 -13.48
N ILE B 381 -2.60 51.37 -12.17
CA ILE B 381 -3.39 52.24 -11.30
C ILE B 381 -2.51 52.62 -10.12
N THR B 382 -2.52 53.92 -9.80
CA THR B 382 -1.77 54.44 -8.67
C THR B 382 -2.76 54.93 -7.62
N PHE B 383 -2.39 54.76 -6.35
CA PHE B 383 -3.27 55.07 -5.23
C PHE B 383 -2.54 55.93 -4.20
N PRO B 384 -2.08 57.14 -4.59
CA PRO B 384 -1.18 57.87 -3.69
C PRO B 384 -1.80 58.17 -2.33
N ALA B 385 -1.06 57.90 -1.27
CA ALA B 385 -1.61 58.15 0.04
C ALA B 385 -1.69 59.67 0.21
N THR B 386 -2.70 60.13 0.93
CA THR B 386 -2.87 61.57 1.16
C THR B 386 -3.54 61.85 2.49
N THR B 387 -3.13 62.94 3.14
CA THR B 387 -3.82 63.37 4.36
C THR B 387 -5.27 63.70 4.10
N ALA B 388 -5.62 63.93 2.83
CA ALA B 388 -6.99 64.25 2.45
C ALA B 388 -7.99 63.14 2.71
N ALA B 389 -7.49 61.93 2.95
CA ALA B 389 -8.38 60.80 3.22
C ALA B 389 -7.98 60.06 4.51
N PRO B 390 -8.58 60.45 5.65
CA PRO B 390 -8.20 59.88 6.93
C PRO B 390 -8.54 58.41 6.97
N GLY B 391 -7.87 57.66 7.83
CA GLY B 391 -8.15 56.24 7.96
C GLY B 391 -7.09 55.39 7.32
N ALA B 392 -5.96 56.01 6.93
CA ALA B 392 -4.85 55.26 6.35
C ALA B 392 -4.28 54.32 7.41
N PRO B 393 -3.69 53.20 6.98
CA PRO B 393 -3.56 52.70 5.60
C PRO B 393 -4.83 52.02 5.05
N HIS B 394 -5.26 52.50 3.88
CA HIS B 394 -6.45 51.96 3.23
C HIS B 394 -6.06 50.76 2.36
N PRO B 395 -6.65 49.58 2.63
CA PRO B 395 -6.33 48.40 1.80
C PRO B 395 -7.32 48.32 0.64
N PHE B 396 -6.82 48.55 -0.57
CA PHE B 396 -7.69 48.51 -1.74
C PHE B 396 -7.78 47.14 -2.37
N HIS B 397 -8.96 46.84 -2.88
CA HIS B 397 -9.22 45.55 -3.45
C HIS B 397 -9.81 45.70 -4.85
N LEU B 398 -9.30 44.91 -5.80
CA LEU B 398 -9.86 44.88 -7.16
C LEU B 398 -10.52 43.56 -7.37
N HIS B 399 -11.80 43.58 -7.73
CA HIS B 399 -12.50 42.37 -8.09
C HIS B 399 -12.11 41.87 -9.49
N GLY B 400 -12.36 40.58 -9.71
CA GLY B 400 -12.19 40.01 -11.07
C GLY B 400 -10.73 39.78 -11.47
N HIS B 401 -9.76 40.02 -10.57
CA HIS B 401 -8.34 40.02 -10.96
C HIS B 401 -7.41 39.82 -9.80
N VAL B 402 -6.23 39.26 -10.09
CA VAL B 402 -5.04 39.59 -9.30
C VAL B 402 -4.25 40.68 -10.00
N PHE B 403 -3.42 41.39 -9.26
CA PHE B 403 -2.60 42.45 -9.84
C PHE B 403 -1.19 42.38 -9.26
N ALA B 404 -0.23 42.89 -10.04
CA ALA B 404 1.16 42.97 -9.58
C ALA B 404 1.34 44.22 -8.77
N VAL B 405 1.89 44.08 -7.56
CA VAL B 405 2.13 45.27 -6.78
C VAL B 405 3.53 45.78 -7.14
N VAL B 406 3.59 46.65 -8.12
CA VAL B 406 4.86 47.17 -8.63
C VAL B 406 5.56 48.00 -7.56
N ARG B 407 4.78 48.80 -6.84
CA ARG B 407 5.33 49.58 -5.74
C ARG B 407 4.43 49.39 -4.52
N SER B 408 5.05 48.92 -3.42
CA SER B 408 4.34 48.62 -2.18
C SER B 408 4.42 49.80 -1.23
N ALA B 409 3.56 49.78 -0.22
CA ALA B 409 3.61 50.75 0.87
C ALA B 409 4.92 50.58 1.62
N GLY B 410 5.50 51.70 2.05
CA GLY B 410 6.73 51.66 2.81
C GLY B 410 7.97 51.39 1.96
N SER B 411 7.84 51.53 0.64
CA SER B 411 8.94 51.28 -0.28
C SER B 411 8.88 52.36 -1.35
N THR B 412 10.05 52.82 -1.80
CA THR B 412 10.09 53.83 -2.86
C THR B 412 10.47 53.22 -4.20
N SER B 413 10.74 51.91 -4.21
CA SER B 413 11.19 51.24 -5.40
C SER B 413 10.03 50.71 -6.25
N TYR B 414 10.31 50.55 -7.55
CA TYR B 414 9.39 49.95 -8.52
C TYR B 414 9.97 48.65 -9.03
N ASN B 415 9.23 47.56 -8.84
CA ASN B 415 9.65 46.25 -9.26
C ASN B 415 8.82 45.81 -10.46
N TYR B 416 9.46 45.78 -11.63
CA TYR B 416 8.83 45.25 -12.84
C TYR B 416 9.25 43.85 -13.24
N ASP B 417 10.01 43.15 -12.39
CA ASP B 417 10.57 41.86 -12.71
C ASP B 417 9.80 40.73 -12.02
N ASP B 418 9.67 40.84 -10.70
CA ASP B 418 9.05 39.75 -9.96
C ASP B 418 8.22 40.18 -8.73
N PRO B 419 7.40 41.25 -8.88
CA PRO B 419 6.57 41.69 -7.73
C PRO B 419 5.49 40.67 -7.44
N VAL B 420 5.08 40.67 -6.18
CA VAL B 420 3.93 39.89 -5.75
C VAL B 420 2.69 40.20 -6.60
N TRP B 421 1.91 39.14 -6.87
CA TRP B 421 0.56 39.30 -7.41
C TRP B 421 -0.41 38.99 -6.27
N ARG B 422 -1.38 39.88 -6.05
CA ARG B 422 -2.36 39.62 -5.01
C ARG B 422 -3.64 40.36 -5.34
N ASP B 423 -4.58 40.44 -4.39
CA ASP B 423 -5.85 41.08 -4.73
C ASP B 423 -6.28 42.15 -3.76
N VAL B 424 -5.60 42.27 -2.61
CA VAL B 424 -5.83 43.39 -1.70
C VAL B 424 -4.47 43.98 -1.33
N VAL B 425 -4.35 45.30 -1.36
CA VAL B 425 -3.02 45.92 -1.12
C VAL B 425 -3.13 47.13 -0.23
N SER B 426 -2.31 47.22 0.81
CA SER B 426 -2.29 48.44 1.60
C SER B 426 -1.77 49.57 0.74
N THR B 427 -2.47 50.70 0.78
CA THR B 427 -2.00 51.88 0.08
C THR B 427 -1.17 52.80 0.96
N GLY B 428 -0.85 52.36 2.17
CA GLY B 428 0.17 53.06 2.98
C GLY B 428 -0.29 54.38 3.56
N THR B 429 0.68 55.29 3.79
CA THR B 429 0.40 56.54 4.50
C THR B 429 1.06 57.72 3.80
N PRO B 430 0.45 58.92 3.94
CA PRO B 430 1.10 60.10 3.35
C PRO B 430 2.41 60.45 4.06
N GLN B 431 2.53 60.10 5.35
CA GLN B 431 3.79 60.31 6.08
C GLN B 431 4.97 59.63 5.42
N ALA B 432 4.74 58.46 4.83
CA ALA B 432 5.81 57.75 4.13
C ALA B 432 5.93 58.17 2.68
N GLY B 433 5.06 59.09 2.26
CA GLY B 433 5.03 59.54 0.86
C GLY B 433 4.74 58.38 -0.09
N ASP B 434 3.88 57.46 0.37
CA ASP B 434 3.56 56.26 -0.41
C ASP B 434 2.86 56.58 -1.72
N ASN B 435 3.13 55.78 -2.75
CA ASN B 435 2.38 55.85 -4.00
C ASN B 435 2.24 54.47 -4.57
N VAL B 436 1.38 53.69 -3.91
CA VAL B 436 1.24 52.31 -4.25
C VAL B 436 0.70 52.18 -5.68
N THR B 437 1.32 51.28 -6.45
CA THR B 437 1.15 51.20 -7.89
C THR B 437 0.95 49.74 -8.27
N ILE B 438 -0.13 49.47 -8.99
CA ILE B 438 -0.42 48.12 -9.42
C ILE B 438 -0.50 48.03 -10.94
N ARG B 439 -0.30 46.82 -11.47
CA ARG B 439 -0.40 46.53 -12.90
C ARG B 439 -1.19 45.26 -13.11
N PHE B 440 -2.04 45.24 -14.13
CA PHE B 440 -2.67 43.99 -14.55
C PHE B 440 -3.04 44.10 -16.01
N GLN B 441 -3.41 42.97 -16.60
CA GLN B 441 -3.86 42.90 -18.00
C GLN B 441 -5.37 42.64 -18.01
N THR B 442 -6.10 43.37 -18.86
CA THR B 442 -7.53 43.08 -18.99
C THR B 442 -7.70 41.72 -19.68
N ASP B 443 -8.63 40.92 -19.17
CA ASP B 443 -8.88 39.60 -19.69
C ASP B 443 -10.25 39.12 -19.24
N ASN B 444 -11.12 40.03 -18.78
CA ASN B 444 -12.27 39.52 -18.01
C ASN B 444 -13.44 40.48 -18.15
N PRO B 445 -14.22 40.33 -19.23
CA PRO B 445 -15.26 41.33 -19.48
C PRO B 445 -16.30 41.38 -18.37
N GLY B 446 -16.55 42.59 -17.91
CA GLY B 446 -17.58 42.76 -16.89
C GLY B 446 -17.29 44.02 -16.06
N PRO B 447 -18.28 44.50 -15.31
CA PRO B 447 -18.02 45.56 -14.35
C PRO B 447 -17.49 44.97 -13.03
N TRP B 448 -16.36 45.49 -12.60
CA TRP B 448 -15.64 44.93 -11.43
C TRP B 448 -15.40 46.06 -10.46
N PHE B 449 -15.75 45.81 -9.18
CA PHE B 449 -15.58 46.86 -8.16
C PHE B 449 -14.10 47.05 -7.82
N LEU B 450 -13.75 48.29 -7.49
CA LEU B 450 -12.41 48.60 -6.97
C LEU B 450 -12.61 49.54 -5.79
N HIS B 451 -12.22 49.11 -4.57
CA HIS B 451 -12.62 49.89 -3.41
C HIS B 451 -11.73 49.62 -2.22
N CYS B 452 -11.83 50.51 -1.24
CA CYS B 452 -11.20 50.24 0.05
C CYS B 452 -11.96 49.15 0.74
N HIS B 453 -11.23 48.16 1.31
CA HIS B 453 -11.92 47.05 1.93
C HIS B 453 -12.16 47.29 3.43
N ILE B 454 -11.86 48.50 3.93
CA ILE B 454 -12.41 48.88 5.24
C ILE B 454 -13.89 49.18 4.96
N ASP B 455 -14.75 48.32 5.47
CA ASP B 455 -16.16 48.29 5.01
C ASP B 455 -16.85 49.61 5.32
N PHE B 456 -16.49 50.22 6.45
CA PHE B 456 -17.06 51.54 6.76
C PHE B 456 -16.70 52.60 5.76
N HIS B 457 -15.54 52.45 5.10
CA HIS B 457 -15.12 53.45 4.10
C HIS B 457 -15.81 53.17 2.77
N LEU B 458 -15.91 51.90 2.42
CA LEU B 458 -16.67 51.51 1.25
C LEU B 458 -18.11 52.08 1.32
N ASP B 459 -18.74 51.91 2.48
CA ASP B 459 -20.14 52.35 2.66
C ASP B 459 -20.24 53.85 2.62
N ALA B 460 -19.14 54.56 2.88
CA ALA B 460 -19.08 56.03 2.78
C ALA B 460 -18.64 56.50 1.38
N GLY B 461 -18.60 55.58 0.43
CA GLY B 461 -18.35 55.90 -0.98
C GLY B 461 -16.92 55.77 -1.52
N PHE B 462 -16.05 55.04 -0.82
CA PHE B 462 -14.65 54.97 -1.25
C PHE B 462 -14.50 53.80 -2.25
N ALA B 463 -15.00 54.03 -3.47
CA ALA B 463 -15.10 52.98 -4.49
C ALA B 463 -15.27 53.61 -5.87
N VAL B 464 -14.82 52.85 -6.86
CA VAL B 464 -15.08 53.11 -8.28
C VAL B 464 -15.38 51.77 -8.94
N VAL B 465 -15.84 51.81 -10.20
CA VAL B 465 -16.14 50.58 -10.92
C VAL B 465 -15.30 50.54 -12.21
N MET B 466 -14.66 49.40 -12.45
CA MET B 466 -13.94 49.18 -13.69
C MET B 466 -14.88 48.48 -14.63
N ALA B 467 -15.29 49.16 -15.70
CA ALA B 467 -16.13 48.53 -16.69
C ALA B 467 -15.20 47.95 -17.77
N GLU B 468 -14.91 46.65 -17.64
CA GLU B 468 -13.86 46.03 -18.42
C GLU B 468 -14.44 45.43 -19.69
N ASP B 469 -13.90 45.89 -20.82
CA ASP B 469 -14.25 45.34 -22.15
C ASP B 469 -15.77 45.36 -22.32
N ILE B 470 -16.33 46.56 -22.20
CA ILE B 470 -17.77 46.74 -22.32
C ILE B 470 -18.40 46.01 -23.55
N PRO B 471 -17.74 46.11 -24.73
CA PRO B 471 -18.39 45.42 -25.88
C PRO B 471 -18.61 43.92 -25.76
N ASN B 472 -17.88 43.24 -24.86
CA ASN B 472 -18.05 41.80 -24.72
C ASN B 472 -18.76 41.41 -23.44
N THR B 473 -19.22 42.40 -22.67
CA THR B 473 -19.85 42.09 -21.35
C THR B 473 -21.08 41.21 -21.50
N VAL B 474 -21.98 41.56 -22.44
CA VAL B 474 -23.22 40.78 -22.54
C VAL B 474 -22.94 39.37 -23.02
N ASN B 475 -22.11 39.27 -24.06
CA ASN B 475 -21.82 37.94 -24.64
C ASN B 475 -21.03 37.04 -23.68
N ALA B 476 -20.19 37.65 -22.84
CA ALA B 476 -19.35 36.85 -21.94
C ALA B 476 -20.09 36.37 -20.71
N ASN B 477 -21.18 37.06 -20.35
CA ASN B 477 -21.86 36.84 -19.07
C ASN B 477 -23.36 36.58 -19.18
N PRO B 478 -23.73 35.48 -19.85
CA PRO B 478 -25.16 35.19 -19.92
C PRO B 478 -25.67 34.99 -18.51
N VAL B 479 -26.88 35.44 -18.22
CA VAL B 479 -27.40 35.46 -16.82
C VAL B 479 -28.55 34.48 -16.66
N PRO B 480 -28.63 33.82 -15.49
CA PRO B 480 -29.74 32.89 -15.24
C PRO B 480 -31.02 33.62 -14.92
N GLN B 481 -32.16 32.96 -15.18
CA GLN B 481 -33.48 33.59 -14.92
C GLN B 481 -33.58 34.13 -13.49
N ALA B 482 -33.06 33.36 -12.55
CA ALA B 482 -33.02 33.80 -11.14
C ALA B 482 -32.35 35.16 -10.93
N TRP B 483 -31.26 35.43 -11.66
CA TRP B 483 -30.61 36.73 -11.54
C TRP B 483 -31.49 37.83 -12.13
N SER B 484 -32.11 37.53 -13.29
CA SER B 484 -32.98 38.52 -13.96
C SER B 484 -34.17 38.90 -13.09
N ASN B 485 -34.55 37.97 -12.22
CA ASN B 485 -35.65 38.19 -11.30
C ASN B 485 -35.29 39.00 -10.03
N LEU B 486 -34.00 39.21 -9.76
CA LEU B 486 -33.65 39.79 -8.48
C LEU B 486 -34.07 41.23 -8.32
N CYS B 487 -33.85 42.05 -9.34
CA CYS B 487 -34.14 43.45 -9.20
C CYS B 487 -35.67 43.69 -9.14
N PRO B 488 -36.47 43.05 -10.03
CA PRO B 488 -37.92 43.18 -9.85
C PRO B 488 -38.36 42.82 -8.41
N THR B 489 -37.84 41.73 -7.87
CA THR B 489 -38.25 41.35 -6.51
C THR B 489 -37.79 42.35 -5.47
N TYR B 490 -36.53 42.75 -5.55
CA TYR B 490 -35.96 43.64 -4.57
C TYR B 490 -36.65 44.98 -4.54
N ASP B 491 -36.92 45.51 -5.73
CA ASP B 491 -37.48 46.85 -5.80
C ASP B 491 -38.96 46.87 -5.36
N ALA B 492 -39.63 45.72 -5.42
CA ALA B 492 -41.03 45.62 -4.97
C ALA B 492 -41.16 45.48 -3.46
N LEU B 493 -40.03 45.28 -2.76
CA LEU B 493 -40.08 45.17 -1.30
C LEU B 493 -40.34 46.49 -0.64
N GLU B 494 -40.97 46.43 0.54
CA GLU B 494 -41.09 47.61 1.37
C GLU B 494 -39.71 48.01 1.87
N PRO B 495 -39.43 49.32 2.00
CA PRO B 495 -38.10 49.73 2.50
C PRO B 495 -37.68 49.04 3.81
N SER B 496 -38.66 48.74 4.66
CA SER B 496 -38.42 48.05 5.93
C SER B 496 -38.06 46.57 5.76
N ASN B 497 -38.12 46.07 4.53
CA ASN B 497 -37.75 44.68 4.25
C ASN B 497 -36.48 44.62 3.43
N GLU B 498 -35.86 45.76 3.19
CA GLU B 498 -34.55 45.76 2.58
C GLU B 498 -33.50 45.37 3.62
#